data_7ZT2
#
_entry.id   7ZT2
#
_cell.length_a   91.190
_cell.length_b   103.850
_cell.length_c   117.860
_cell.angle_alpha   90.00
_cell.angle_beta   90.00
_cell.angle_gamma   90.00
#
_symmetry.space_group_name_H-M   'P 21 21 21'
#
loop_
_entity.id
_entity.type
_entity.pdbx_description
1 polymer 'Major histocompatibility complex class I-related gene protein'
2 polymer Beta-2-microglobulin
3 polymer 'E8 TCR Alpha'
4 polymer 'E8 TCR beta'
5 non-polymer 1-deoxy-1-({2,6-dioxo-5-[(E)-propylideneamino]-1,2,3,6-tetrahydropyrimidin-4-yl}amino)-D-ribitol
6 non-polymer 1,2-ETHANEDIOL
7 water water
#
loop_
_entity_poly.entity_id
_entity_poly.type
_entity_poly.pdbx_seq_one_letter_code
_entity_poly.pdbx_strand_id
1 'polypeptide(L)'
;MRTHSLRYFRLGVSDPIHGVPEFISVGYVDSHPITTYDSVTRQKEPRAPWMAENLAPDHWERYTQLLRGWQQMFKVELKR
LQRHYNHSGSHTYQRMIGCELLEDGSTTGFLQYAYDGQDFLIFNKDTLSWLAVDNVAHTIKQAWEANQHELLYQKNWLEE
ECIAWLKRFLEYGKDTLQRTEPPLVRVNRKETFPGVTALFCKAHGFYPPEIYMTWMKNGEEIVQEIDYGDILPSGDGTYQ
AWASIELDPQSSNLYSCHVEHSGVHMVLQVPGSGGGLNDIFEAQKIEWHE
;
A
2 'polypeptide(L)'
;MIQRTPKIQVYSRHPAENGKSNFLNCYVSGFHPSDIEVDLLKNGERIEKVEHSDLSFSKDWSFYLLYYTEFTPTEKDEYA
CRVNHVTLSQPKIVKWDRDM
;
B
3 'polypeptide(L)'
;MAGQNIDQPTEMTATEGAIVQINCTYQTSGFNGLFWYQQHAGEAPTFLSYNVLDGLEEKGRFSSFLSRSKGYSYLLLKEL
QMKDSASYLCAFLDSNYQLIWGAGTKLIIKPDIQNPDPAVYQLRDSKSSDKSVCLFTDFDSQTNVSQSKDSDVYITDKCV
LDMRSMDFKSNSAVAWSNKSDFACANAFNNSIIPEDTFFPSPESS
;
D
4 'polypeptide(L)'
;NAGVTQTPKFQVLKTGQSMTLQCAQDMNHNYMYWYRQDPGMGLRLIYYSASEGTTDKGEVPNGYNVSRSTTEDFPLRLLS
AAPSQTSVYFCASSNREYSPLHFGNGTRLTVTEDLNKVFPPEVAVFEPSEAEISHTQKATLVCLATGFYPDHVELSWWVN
GKEVHSGVCTDPQPLKEQPALNDSRYALSSRLRVSATFWQDPRNHFRCQVQFYGLSENDEWTQDRAKPVTQIVSAEAWGR
ADAAAGAAEQKLISEEDLNGAA
;
E
#
loop_
_chem_comp.id
_chem_comp.type
_chem_comp.name
_chem_comp.formula
2LJ non-polymer 1-deoxy-1-({2,6-dioxo-5-[(E)-propylideneamino]-1,2,3,6-tetrahydropyrimidin-4-yl}amino)-D-ribitol 'C12 H20 N4 O6'
EDO non-polymer 1,2-ETHANEDIOL 'C2 H6 O2'
#
# COMPACT_ATOMS: atom_id res chain seq x y z
N ARG A 2 32.91 -0.38 11.62
CA ARG A 2 32.73 -1.81 11.21
C ARG A 2 31.45 -1.97 10.38
N THR A 3 31.46 -2.90 9.42
CA THR A 3 30.23 -3.34 8.70
C THR A 3 29.13 -3.60 9.74
N HIS A 4 27.94 -3.05 9.49
CA HIS A 4 26.66 -3.37 10.17
C HIS A 4 25.63 -3.84 9.13
N SER A 5 24.60 -4.58 9.56
CA SER A 5 23.59 -5.18 8.66
C SER A 5 22.19 -5.14 9.30
N LEU A 6 21.15 -5.06 8.46
CA LEU A 6 19.72 -5.27 8.83
C LEU A 6 19.16 -6.39 7.97
N ARG A 7 18.50 -7.36 8.61
CA ARG A 7 18.01 -8.59 7.96
C ARG A 7 16.61 -8.88 8.49
N TYR A 8 15.67 -9.20 7.59
CA TYR A 8 14.35 -9.75 7.93
C TYR A 8 14.19 -11.12 7.26
N PHE A 9 13.83 -12.09 8.11
CA PHE A 9 13.57 -13.50 7.73
C PHE A 9 12.09 -13.80 7.87
N ARG A 10 11.58 -14.62 6.95
CA ARG A 10 10.20 -15.18 7.00
C ARG A 10 10.28 -16.70 6.86
N LEU A 11 9.60 -17.42 7.75
CA LEU A 11 9.53 -18.89 7.75
C LEU A 11 8.07 -19.27 7.64
N GLY A 12 7.74 -20.09 6.65
CA GLY A 12 6.39 -20.63 6.44
C GLY A 12 6.43 -22.13 6.38
N VAL A 13 5.49 -22.78 7.07
CA VAL A 13 5.43 -24.27 7.20
C VAL A 13 4.00 -24.70 6.92
N SER A 14 3.79 -25.45 5.85
CA SER A 14 2.49 -26.06 5.49
C SER A 14 2.25 -27.27 6.39
N ASP A 15 1.02 -27.52 6.82
CA ASP A 15 0.64 -28.69 7.66
C ASP A 15 1.57 -28.79 8.85
N PRO A 16 1.74 -27.73 9.67
CA PRO A 16 2.59 -27.80 10.85
C PRO A 16 1.99 -28.72 11.91
N ILE A 17 2.83 -29.22 12.80
CA ILE A 17 2.46 -30.00 14.01
C ILE A 17 1.63 -29.06 14.91
N HIS A 18 0.93 -29.58 15.93
CA HIS A 18 0.39 -28.77 17.05
C HIS A 18 1.52 -27.83 17.52
N GLY A 19 1.20 -26.57 17.84
CA GLY A 19 2.13 -25.63 18.50
C GLY A 19 2.97 -24.84 17.51
N VAL A 20 3.83 -25.53 16.73
CA VAL A 20 4.65 -25.00 15.58
C VAL A 20 3.81 -24.03 14.73
N PRO A 21 4.12 -22.71 14.74
CA PRO A 21 3.38 -21.74 13.93
C PRO A 21 3.65 -21.94 12.43
N GLU A 22 2.62 -21.74 11.58
CA GLU A 22 2.76 -21.89 10.11
C GLU A 22 3.55 -20.69 9.59
N PHE A 23 3.67 -19.62 10.37
CA PHE A 23 4.42 -18.41 9.95
C PHE A 23 5.18 -17.83 11.15
N ILE A 24 6.42 -17.43 10.88
CA ILE A 24 7.32 -16.68 11.79
C ILE A 24 8.04 -15.62 10.95
N SER A 25 8.22 -14.43 11.49
CA SER A 25 9.05 -13.40 10.82
C SER A 25 9.86 -12.62 11.86
N VAL A 26 11.17 -12.71 11.75
CA VAL A 26 12.10 -12.13 12.75
C VAL A 26 13.03 -11.16 12.04
N GLY A 27 13.30 -10.06 12.74
CA GLY A 27 14.23 -9.02 12.30
C GLY A 27 15.44 -8.99 13.21
N TYR A 28 16.64 -8.90 12.61
CA TYR A 28 17.97 -8.78 13.25
C TYR A 28 18.70 -7.53 12.75
N VAL A 29 19.32 -6.78 13.65
CA VAL A 29 20.48 -5.90 13.34
C VAL A 29 21.75 -6.65 13.74
N ASP A 30 22.70 -6.84 12.83
CA ASP A 30 23.87 -7.70 13.11
C ASP A 30 23.26 -8.99 13.65
N SER A 31 23.82 -9.58 14.71
CA SER A 31 23.37 -10.89 15.25
C SER A 31 22.33 -10.71 16.37
N HIS A 32 21.98 -9.48 16.76
CA HIS A 32 20.87 -9.18 17.70
C HIS A 32 19.52 -9.27 17.00
N PRO A 33 18.54 -9.99 17.55
CA PRO A 33 17.18 -9.91 17.05
C PRO A 33 16.56 -8.59 17.56
N ILE A 34 15.76 -7.91 16.73
CA ILE A 34 15.16 -6.58 17.02
C ILE A 34 13.63 -6.68 17.02
N THR A 35 13.06 -7.61 16.25
CA THR A 35 11.57 -7.75 16.09
C THR A 35 11.16 -9.20 15.81
N THR A 36 9.96 -9.57 16.27
CA THR A 36 9.36 -10.92 16.15
C THR A 36 7.86 -10.77 15.85
N TYR A 37 7.34 -11.66 15.00
CA TYR A 37 5.92 -11.83 14.65
C TYR A 37 5.66 -13.34 14.47
N ASP A 38 4.45 -13.86 14.72
CA ASP A 38 4.11 -15.23 14.23
C ASP A 38 2.61 -15.43 14.13
N SER A 39 2.21 -16.54 13.47
CA SER A 39 0.80 -16.89 13.19
C SER A 39 0.00 -17.12 14.46
N VAL A 40 0.65 -17.33 15.62
CA VAL A 40 0.00 -17.56 16.94
C VAL A 40 -0.28 -16.22 17.64
N THR A 41 0.75 -15.40 17.87
CA THR A 41 0.65 -14.10 18.59
C THR A 41 -0.04 -13.05 17.73
N ARG A 42 -0.01 -13.23 16.40
CA ARG A 42 -0.56 -12.29 15.37
C ARG A 42 -0.21 -10.86 15.76
N GLN A 43 0.97 -10.64 16.31
CA GLN A 43 1.41 -9.33 16.86
C GLN A 43 2.90 -9.17 16.61
N LYS A 44 3.33 -8.00 16.20
CA LYS A 44 4.75 -7.66 16.06
C LYS A 44 5.24 -7.12 17.41
N GLU A 45 6.33 -7.69 17.93
CA GLU A 45 6.92 -7.32 19.25
C GLU A 45 8.40 -7.05 19.13
N PRO A 46 8.94 -6.17 20.01
CA PRO A 46 10.38 -5.92 20.04
C PRO A 46 11.09 -7.10 20.72
N ARG A 47 12.32 -7.35 20.29
CA ARG A 47 13.22 -8.39 20.84
C ARG A 47 14.50 -7.70 21.33
N ALA A 48 14.42 -6.40 21.63
CA ALA A 48 15.47 -5.58 22.25
C ALA A 48 14.82 -4.38 22.93
N PRO A 49 15.17 -4.07 24.21
CA PRO A 49 14.51 -2.98 24.94
C PRO A 49 14.63 -1.64 24.20
N TRP A 50 15.76 -1.44 23.50
CA TRP A 50 16.13 -0.16 22.83
C TRP A 50 15.30 0.06 21.55
N MET A 51 14.78 -1.01 20.94
CA MET A 51 13.68 -0.93 19.94
C MET A 51 12.41 -0.49 20.66
N ALA A 52 12.08 -1.20 21.75
CA ALA A 52 10.87 -0.97 22.55
C ALA A 52 10.83 0.50 23.02
N GLU A 53 11.97 1.08 23.39
CA GLU A 53 12.03 2.42 24.03
C GLU A 53 11.82 3.53 22.99
N ASN A 54 12.14 3.28 21.71
CA ASN A 54 12.39 4.36 20.70
C ASN A 54 11.35 4.36 19.55
N LEU A 55 10.50 3.34 19.45
CA LEU A 55 9.47 3.22 18.38
C LEU A 55 8.10 3.24 19.07
N ALA A 56 7.28 4.22 18.74
CA ALA A 56 5.95 4.47 19.37
C ALA A 56 4.98 3.37 18.98
N PRO A 57 3.84 3.24 19.71
CA PRO A 57 2.81 2.25 19.38
C PRO A 57 2.39 2.20 17.90
N ASP A 58 2.28 3.37 17.25
CA ASP A 58 1.93 3.51 15.81
C ASP A 58 2.79 2.53 15.01
N HIS A 59 4.07 2.43 15.33
CA HIS A 59 5.02 1.56 14.58
C HIS A 59 4.55 0.11 14.65
N TRP A 60 4.32 -0.42 15.85
CA TRP A 60 4.02 -1.86 16.07
C TRP A 60 2.60 -2.14 15.53
N GLU A 61 1.72 -1.15 15.67
CA GLU A 61 0.34 -1.23 15.14
C GLU A 61 0.40 -1.43 13.62
N ARG A 62 1.08 -0.53 12.91
N ARG A 62 1.09 -0.53 12.90
CA ARG A 62 1.12 -0.52 11.42
CA ARG A 62 1.09 -0.51 11.42
C ARG A 62 1.76 -1.81 10.89
C ARG A 62 1.80 -1.76 10.86
N TYR A 63 2.86 -2.25 11.51
CA TYR A 63 3.68 -3.36 10.96
C TYR A 63 3.09 -4.71 11.39
N THR A 64 2.35 -4.74 12.49
CA THR A 64 1.51 -5.90 12.80
C THR A 64 0.63 -6.18 11.58
N GLN A 65 -0.03 -5.13 11.07
CA GLN A 65 -1.04 -5.22 9.97
C GLN A 65 -0.36 -5.71 8.69
N LEU A 66 0.79 -5.14 8.33
CA LEU A 66 1.52 -5.54 7.11
C LEU A 66 1.93 -7.01 7.23
N LEU A 67 2.39 -7.41 8.42
CA LEU A 67 2.84 -8.79 8.73
C LEU A 67 1.66 -9.77 8.70
N ARG A 68 0.47 -9.39 9.21
CA ARG A 68 -0.76 -10.20 9.05
C ARG A 68 -0.99 -10.40 7.54
N GLY A 69 -0.80 -9.34 6.74
CA GLY A 69 -0.78 -9.41 5.27
C GLY A 69 0.29 -10.35 4.74
N TRP A 70 1.55 -10.14 5.10
CA TRP A 70 2.67 -10.98 4.59
C TRP A 70 2.41 -12.45 4.95
N GLN A 71 1.88 -12.73 6.15
CA GLN A 71 1.47 -14.09 6.57
C GLN A 71 0.54 -14.72 5.53
N GLN A 72 -0.52 -14.01 5.19
CA GLN A 72 -1.51 -14.42 4.18
C GLN A 72 -0.81 -14.73 2.83
N MET A 73 -0.03 -13.76 2.31
CA MET A 73 0.65 -13.87 0.98
C MET A 73 1.54 -15.13 0.96
N PHE A 74 2.16 -15.41 2.11
CA PHE A 74 3.20 -16.45 2.32
C PHE A 74 2.57 -17.85 2.36
N LYS A 75 1.43 -18.00 3.04
CA LYS A 75 0.61 -19.22 2.97
C LYS A 75 0.28 -19.57 1.51
N VAL A 76 -0.04 -18.57 0.68
CA VAL A 76 -0.50 -18.76 -0.74
C VAL A 76 0.70 -19.06 -1.63
N GLU A 77 1.79 -18.28 -1.53
CA GLU A 77 3.03 -18.56 -2.32
C GLU A 77 3.50 -20.00 -2.04
N LEU A 78 3.46 -20.47 -0.78
CA LEU A 78 3.87 -21.85 -0.39
C LEU A 78 2.88 -22.87 -0.95
N LYS A 79 1.58 -22.65 -0.77
CA LYS A 79 0.57 -23.64 -1.20
C LYS A 79 0.72 -23.83 -2.71
N ARG A 80 1.11 -22.77 -3.43
CA ARG A 80 1.23 -22.77 -4.91
C ARG A 80 2.47 -23.57 -5.33
N LEU A 81 3.62 -23.31 -4.69
CA LEU A 81 4.89 -24.04 -4.93
C LEU A 81 4.69 -25.55 -4.80
N GLN A 82 3.94 -25.99 -3.78
CA GLN A 82 3.61 -27.42 -3.51
C GLN A 82 2.76 -27.98 -4.66
N ARG A 83 1.77 -27.22 -5.16
CA ARG A 83 1.03 -27.58 -6.39
C ARG A 83 2.05 -27.80 -7.52
N HIS A 84 2.90 -26.81 -7.77
CA HIS A 84 3.92 -26.79 -8.87
C HIS A 84 4.82 -28.03 -8.84
N TYR A 85 5.30 -28.45 -7.66
CA TYR A 85 6.21 -29.61 -7.51
C TYR A 85 5.42 -30.92 -7.41
N ASN A 86 4.10 -30.81 -7.23
CA ASN A 86 3.23 -31.96 -6.87
C ASN A 86 3.77 -32.59 -5.58
N HIS A 87 4.03 -31.74 -4.57
CA HIS A 87 4.41 -32.10 -3.18
C HIS A 87 3.19 -31.99 -2.27
N SER A 88 2.80 -33.14 -1.70
CA SER A 88 1.88 -33.33 -0.55
C SER A 88 2.68 -33.16 0.75
N GLY A 89 2.01 -33.21 1.91
CA GLY A 89 2.65 -33.15 3.24
C GLY A 89 3.31 -31.81 3.50
N SER A 90 3.93 -31.66 4.67
CA SER A 90 4.54 -30.39 5.16
C SER A 90 5.87 -30.14 4.43
N HIS A 91 6.08 -28.89 4.04
CA HIS A 91 7.30 -28.34 3.42
C HIS A 91 7.51 -26.94 3.97
N THR A 92 8.66 -26.32 3.74
CA THR A 92 8.97 -24.97 4.27
C THR A 92 9.32 -23.98 3.15
N TYR A 93 9.05 -22.71 3.40
CA TYR A 93 9.35 -21.60 2.47
C TYR A 93 9.98 -20.49 3.29
N GLN A 94 11.12 -20.02 2.85
CA GLN A 94 11.88 -19.04 3.64
C GLN A 94 12.15 -17.85 2.74
N ARG A 95 12.27 -16.68 3.34
CA ARG A 95 12.64 -15.42 2.65
C ARG A 95 13.61 -14.71 3.59
N MET A 96 14.71 -14.20 3.05
CA MET A 96 15.63 -13.30 3.80
C MET A 96 15.83 -12.07 2.93
N ILE A 97 15.69 -10.89 3.53
CA ILE A 97 15.96 -9.61 2.86
C ILE A 97 16.80 -8.77 3.80
N GLY A 98 17.65 -7.91 3.25
CA GLY A 98 18.53 -7.10 4.10
C GLY A 98 19.48 -6.26 3.30
N CYS A 99 20.27 -5.48 4.03
CA CYS A 99 21.28 -4.54 3.52
C CYS A 99 22.46 -4.47 4.50
N GLU A 100 23.68 -4.29 3.99
CA GLU A 100 24.87 -3.95 4.79
C GLU A 100 25.20 -2.47 4.54
N LEU A 101 25.50 -1.76 5.62
CA LEU A 101 26.18 -0.43 5.60
C LEU A 101 27.66 -0.62 5.99
N LEU A 102 28.54 -0.66 5.00
CA LEU A 102 29.98 -0.92 5.28
C LEU A 102 30.63 0.35 5.81
N GLU A 103 31.92 0.28 6.16
CA GLU A 103 32.62 1.45 6.75
C GLU A 103 33.00 2.42 5.64
N ASP A 104 33.35 1.89 4.46
CA ASP A 104 33.66 2.77 3.31
C ASP A 104 32.44 3.64 3.03
N GLY A 105 31.32 3.40 3.72
CA GLY A 105 30.09 4.15 3.45
C GLY A 105 29.29 3.43 2.38
N SER A 106 29.87 2.37 1.83
CA SER A 106 29.20 1.62 0.74
C SER A 106 28.00 0.84 1.28
N THR A 107 27.23 0.26 0.37
CA THR A 107 26.01 -0.50 0.75
C THR A 107 25.90 -1.78 -0.08
N THR A 108 25.21 -2.79 0.46
CA THR A 108 24.75 -3.99 -0.27
C THR A 108 23.28 -4.23 0.04
N GLY A 109 22.59 -4.92 -0.85
CA GLY A 109 21.16 -5.25 -0.69
C GLY A 109 20.91 -6.64 -1.24
N PHE A 110 20.00 -7.40 -0.65
CA PHE A 110 19.78 -8.80 -1.05
C PHE A 110 18.39 -9.22 -0.58
N LEU A 111 17.85 -10.18 -1.33
CA LEU A 111 16.52 -10.79 -1.15
C LEU A 111 16.63 -12.16 -1.80
N GLN A 112 16.30 -13.22 -1.07
CA GLN A 112 16.27 -14.56 -1.68
C GLN A 112 15.21 -15.39 -0.99
N TYR A 113 14.80 -16.47 -1.65
CA TYR A 113 13.83 -17.46 -1.17
C TYR A 113 14.48 -18.84 -1.21
N ALA A 114 14.12 -19.68 -0.25
CA ALA A 114 14.45 -21.11 -0.20
C ALA A 114 13.15 -21.92 -0.10
N TYR A 115 13.15 -23.10 -0.71
CA TYR A 115 12.10 -24.14 -0.57
C TYR A 115 12.80 -25.35 0.05
N ASP A 116 12.36 -25.75 1.25
CA ASP A 116 12.94 -26.88 2.02
C ASP A 116 14.40 -26.55 2.34
N GLY A 117 14.68 -25.32 2.76
CA GLY A 117 16.03 -24.87 3.16
C GLY A 117 17.03 -24.79 2.01
N GLN A 118 16.63 -25.07 0.77
CA GLN A 118 17.51 -24.98 -0.43
C GLN A 118 17.20 -23.71 -1.22
N ASP A 119 18.24 -22.99 -1.67
CA ASP A 119 18.14 -21.78 -2.55
C ASP A 119 17.15 -22.04 -3.66
N PHE A 120 16.26 -21.08 -3.91
CA PHE A 120 15.16 -21.18 -4.89
C PHE A 120 15.23 -19.98 -5.87
N LEU A 121 15.12 -18.76 -5.34
CA LEU A 121 15.17 -17.48 -6.11
C LEU A 121 16.10 -16.47 -5.40
N ILE A 122 17.13 -16.00 -6.11
CA ILE A 122 18.01 -14.89 -5.63
C ILE A 122 17.77 -13.69 -6.56
N PHE A 123 17.43 -12.56 -5.95
CA PHE A 123 17.21 -11.26 -6.59
C PHE A 123 18.56 -10.61 -6.90
N ASN A 124 18.64 -9.91 -8.04
CA ASN A 124 19.74 -9.01 -8.44
C ASN A 124 19.14 -7.62 -8.66
N LYS A 125 19.39 -6.68 -7.75
CA LYS A 125 18.82 -5.30 -7.73
C LYS A 125 19.52 -4.40 -8.76
N ASP A 126 20.61 -4.83 -9.39
CA ASP A 126 21.37 -3.98 -10.35
C ASP A 126 20.96 -4.35 -11.77
N THR A 127 20.82 -5.64 -12.10
CA THR A 127 20.25 -6.12 -13.39
C THR A 127 18.72 -6.26 -13.28
N LEU A 128 18.13 -5.90 -12.14
CA LEU A 128 16.66 -6.02 -11.88
C LEU A 128 16.13 -7.34 -12.46
N SER A 129 16.73 -8.46 -12.07
CA SER A 129 16.35 -9.83 -12.54
C SER A 129 16.45 -10.82 -11.37
N TRP A 130 15.90 -12.02 -11.55
CA TRP A 130 15.85 -13.12 -10.56
C TRP A 130 16.57 -14.38 -11.08
N LEU A 131 17.61 -14.84 -10.37
CA LEU A 131 18.26 -16.14 -10.66
C LEU A 131 17.39 -17.24 -10.08
N ALA A 132 17.10 -18.29 -10.86
CA ALA A 132 16.27 -19.45 -10.51
C ALA A 132 17.11 -20.74 -10.59
N VAL A 133 16.77 -21.76 -9.79
CA VAL A 133 17.58 -23.00 -9.64
C VAL A 133 17.02 -24.15 -10.50
N ASP A 134 15.72 -24.09 -10.84
CA ASP A 134 15.02 -25.19 -11.53
C ASP A 134 13.88 -24.62 -12.38
N ASN A 135 13.01 -25.51 -12.88
CA ASN A 135 11.91 -25.18 -13.82
C ASN A 135 10.84 -24.37 -13.09
N VAL A 136 10.38 -24.89 -11.95
CA VAL A 136 9.29 -24.31 -11.12
C VAL A 136 9.70 -22.91 -10.65
N ALA A 137 10.99 -22.70 -10.35
CA ALA A 137 11.53 -21.39 -9.91
C ALA A 137 11.57 -20.42 -11.10
N HIS A 138 12.14 -20.88 -12.23
CA HIS A 138 12.23 -20.14 -13.51
C HIS A 138 10.83 -19.69 -13.94
N THR A 139 9.78 -20.42 -13.58
CA THR A 139 8.38 -20.04 -13.87
C THR A 139 7.98 -18.83 -13.01
N ILE A 140 8.36 -18.82 -11.73
CA ILE A 140 8.00 -17.71 -10.79
C ILE A 140 8.76 -16.45 -11.21
N LYS A 141 10.00 -16.62 -11.67
CA LYS A 141 10.88 -15.54 -12.20
C LYS A 141 10.18 -14.78 -13.36
N GLN A 142 9.68 -15.51 -14.36
CA GLN A 142 9.04 -14.91 -15.56
C GLN A 142 7.90 -14.00 -15.13
N ALA A 143 7.05 -14.42 -14.19
CA ALA A 143 5.99 -13.59 -13.59
C ALA A 143 6.60 -12.33 -12.95
N TRP A 144 7.56 -12.47 -12.04
CA TRP A 144 8.08 -11.33 -11.23
C TRP A 144 8.75 -10.28 -12.14
N GLU A 145 9.33 -10.70 -13.27
CA GLU A 145 10.12 -9.83 -14.21
C GLU A 145 9.21 -9.09 -15.20
N ALA A 146 8.00 -9.62 -15.46
CA ALA A 146 6.91 -8.98 -16.23
C ALA A 146 6.44 -7.69 -15.53
N ASN A 147 6.75 -7.53 -14.25
CA ASN A 147 6.28 -6.41 -13.39
C ASN A 147 7.43 -5.45 -13.07
N GLN A 148 7.78 -4.61 -14.03
CA GLN A 148 8.86 -3.59 -13.92
C GLN A 148 8.68 -2.80 -12.61
N HIS A 149 7.45 -2.44 -12.24
CA HIS A 149 7.14 -1.55 -11.09
C HIS A 149 7.49 -2.26 -9.76
N GLU A 150 7.22 -3.56 -9.65
CA GLU A 150 7.57 -4.39 -8.47
C GLU A 150 9.11 -4.44 -8.31
N LEU A 151 9.83 -4.86 -9.35
CA LEU A 151 11.32 -4.91 -9.40
C LEU A 151 11.87 -3.56 -8.91
N LEU A 152 11.33 -2.44 -9.39
CA LEU A 152 11.84 -1.09 -9.03
C LEU A 152 11.51 -0.76 -7.58
N TYR A 153 10.30 -1.07 -7.12
CA TYR A 153 9.93 -0.94 -5.68
C TYR A 153 11.04 -1.60 -4.83
N GLN A 154 11.42 -2.87 -5.09
CA GLN A 154 12.43 -3.62 -4.26
C GLN A 154 13.77 -2.91 -4.31
N LYS A 155 14.24 -2.59 -5.51
CA LYS A 155 15.57 -1.99 -5.66
C LYS A 155 15.60 -0.76 -4.75
N ASN A 156 14.54 0.07 -4.82
CA ASN A 156 14.49 1.31 -4.01
C ASN A 156 14.45 0.93 -2.52
N TRP A 157 13.72 -0.12 -2.15
CA TRP A 157 13.62 -0.54 -0.72
C TRP A 157 14.99 -1.01 -0.20
N LEU A 158 15.64 -1.93 -0.91
CA LEU A 158 16.99 -2.43 -0.55
C LEU A 158 17.94 -1.24 -0.40
N GLU A 159 17.97 -0.32 -1.37
CA GLU A 159 19.07 0.67 -1.51
C GLU A 159 18.84 1.90 -0.62
N GLU A 160 17.59 2.23 -0.28
CA GLU A 160 17.25 3.54 0.37
C GLU A 160 16.61 3.28 1.73
N GLU A 161 15.43 2.67 1.73
CA GLU A 161 14.60 2.43 2.93
C GLU A 161 15.39 1.56 3.94
N CYS A 162 15.89 0.42 3.50
CA CYS A 162 16.51 -0.61 4.36
C CYS A 162 17.71 0.03 5.07
N ILE A 163 18.43 0.92 4.40
CA ILE A 163 19.66 1.61 4.91
C ILE A 163 19.25 2.74 5.87
N ALA A 164 18.12 3.39 5.60
CA ALA A 164 17.58 4.46 6.49
C ALA A 164 17.14 3.84 7.82
N TRP A 165 16.54 2.64 7.77
CA TRP A 165 16.07 1.87 8.94
C TRP A 165 17.27 1.43 9.76
N LEU A 166 18.21 0.74 9.09
CA LEU A 166 19.49 0.31 9.69
C LEU A 166 20.08 1.47 10.48
N LYS A 167 20.20 2.64 9.85
CA LYS A 167 20.91 3.81 10.44
C LYS A 167 20.23 4.22 11.75
N ARG A 168 18.90 4.23 11.82
CA ARG A 168 18.22 4.74 13.05
C ARG A 168 18.16 3.62 14.10
N PHE A 169 18.10 2.38 13.65
CA PHE A 169 18.27 1.21 14.55
C PHE A 169 19.66 1.26 15.22
N LEU A 170 20.72 1.42 14.42
CA LEU A 170 22.11 1.60 14.90
C LEU A 170 22.14 2.73 15.92
N GLU A 171 21.33 3.77 15.79
CA GLU A 171 21.35 4.89 16.76
C GLU A 171 20.59 4.45 18.01
N TYR A 172 19.41 3.87 17.84
CA TYR A 172 18.52 3.49 18.96
C TYR A 172 19.28 2.59 19.93
N GLY A 173 20.17 1.74 19.39
CA GLY A 173 20.88 0.66 20.11
C GLY A 173 22.38 0.86 20.09
N LYS A 174 22.84 2.11 20.06
CA LYS A 174 24.27 2.44 19.82
C LYS A 174 25.14 1.80 20.92
N ASP A 175 24.69 1.91 22.18
CA ASP A 175 25.41 1.38 23.37
C ASP A 175 25.56 -0.15 23.28
N THR A 176 24.57 -0.87 22.76
CA THR A 176 24.65 -2.34 22.59
C THR A 176 25.49 -2.65 21.35
N LEU A 177 25.11 -2.11 20.18
CA LEU A 177 25.56 -2.61 18.83
C LEU A 177 26.94 -2.09 18.46
N GLN A 178 27.34 -0.94 19.02
CA GLN A 178 28.59 -0.23 18.64
C GLN A 178 29.62 -0.22 19.77
N ARG A 179 29.36 -0.89 20.89
CA ARG A 179 30.36 -1.03 22.00
C ARG A 179 31.47 -1.97 21.53
N THR A 180 32.61 -1.96 22.22
CA THR A 180 33.60 -3.04 22.14
C THR A 180 33.79 -3.60 23.54
N GLU A 181 33.70 -4.92 23.69
CA GLU A 181 34.20 -5.66 24.89
C GLU A 181 35.41 -6.44 24.40
N PRO A 182 36.65 -6.09 24.84
CA PRO A 182 37.86 -6.75 24.34
C PRO A 182 37.89 -8.21 24.78
N PRO A 183 38.59 -9.10 24.05
CA PRO A 183 38.69 -10.51 24.42
C PRO A 183 39.75 -10.82 25.50
N LEU A 184 39.46 -11.79 26.39
CA LEU A 184 40.47 -12.53 27.19
C LEU A 184 41.12 -13.56 26.27
N VAL A 185 42.42 -13.45 25.99
CA VAL A 185 43.12 -14.43 25.11
C VAL A 185 44.18 -15.12 25.96
N ARG A 186 44.01 -16.41 26.25
CA ARG A 186 45.08 -17.23 26.88
C ARG A 186 45.36 -18.47 26.03
N VAL A 187 46.57 -19.02 26.19
CA VAL A 187 47.04 -20.21 25.43
C VAL A 187 47.41 -21.28 26.45
N ASN A 188 46.67 -22.39 26.51
CA ASN A 188 46.90 -23.53 27.45
C ASN A 188 47.30 -24.78 26.65
N ARG A 189 48.24 -25.59 27.17
CA ARG A 189 48.77 -26.83 26.51
C ARG A 189 48.43 -28.06 27.37
N GLU A 191 49.11 -31.82 26.12
CA GLU A 191 49.72 -33.08 25.61
C GLU A 191 48.58 -33.96 25.09
N THR A 192 48.40 -34.00 23.76
CA THR A 192 47.17 -34.53 23.10
C THR A 192 47.18 -36.07 23.10
N PHE A 193 48.38 -36.67 23.19
CA PHE A 193 48.61 -38.13 23.41
C PHE A 193 50.00 -38.23 24.03
N PRO A 194 50.42 -39.36 24.64
CA PRO A 194 51.80 -39.50 25.13
C PRO A 194 52.89 -39.16 24.08
N GLY A 195 53.61 -38.05 24.28
CA GLY A 195 54.75 -37.60 23.45
C GLY A 195 54.43 -36.35 22.63
N VAL A 196 53.35 -36.39 21.86
CA VAL A 196 52.88 -35.28 20.96
C VAL A 196 52.25 -34.18 21.82
N THR A 197 52.55 -32.90 21.52
CA THR A 197 52.00 -31.70 22.22
C THR A 197 51.20 -30.82 21.23
N ALA A 198 49.99 -30.42 21.64
CA ALA A 198 49.10 -29.45 20.96
C ALA A 198 49.15 -28.11 21.73
N LEU A 199 48.94 -26.98 21.04
CA LEU A 199 48.83 -25.62 21.66
C LEU A 199 47.45 -25.06 21.35
N PHE A 200 46.69 -24.70 22.38
CA PHE A 200 45.32 -24.13 22.28
C PHE A 200 45.35 -22.61 22.53
N CYS A 201 44.98 -21.81 21.53
CA CYS A 201 44.69 -20.35 21.66
C CYS A 201 43.19 -20.12 21.84
N LYS A 202 42.77 -19.64 23.00
CA LYS A 202 41.35 -19.49 23.41
C LYS A 202 41.08 -18.02 23.73
N ALA A 203 39.92 -17.53 23.33
CA ALA A 203 39.45 -16.14 23.53
C ALA A 203 38.03 -16.19 24.10
N HIS A 204 37.66 -15.33 25.04
CA HIS A 204 36.24 -15.23 25.47
C HIS A 204 35.87 -13.80 25.89
N GLY A 205 34.60 -13.59 26.26
CA GLY A 205 34.10 -12.33 26.85
C GLY A 205 34.20 -11.17 25.87
N PHE A 206 34.24 -11.45 24.57
CA PHE A 206 34.46 -10.42 23.52
C PHE A 206 33.16 -10.16 22.78
N TYR A 207 33.07 -8.95 22.22
CA TYR A 207 32.02 -8.44 21.29
C TYR A 207 32.60 -7.23 20.57
N PRO A 208 32.30 -7.00 19.26
CA PRO A 208 31.44 -7.87 18.46
C PRO A 208 31.98 -9.27 18.19
N PRO A 209 31.15 -10.22 17.68
CA PRO A 209 31.58 -11.61 17.51
C PRO A 209 32.65 -11.85 16.44
N GLU A 210 32.91 -10.87 15.56
CA GLU A 210 33.91 -11.04 14.47
C GLU A 210 35.34 -10.92 15.04
N ILE A 211 36.05 -12.05 15.00
CA ILE A 211 37.42 -12.21 15.55
C ILE A 211 38.26 -12.96 14.52
N TYR A 212 39.50 -12.57 14.33
CA TYR A 212 40.48 -13.35 13.54
C TYR A 212 41.46 -13.95 14.55
N MET A 213 41.68 -15.28 14.50
CA MET A 213 42.64 -16.01 15.35
C MET A 213 43.45 -16.99 14.49
N THR A 214 44.78 -16.96 14.57
CA THR A 214 45.64 -17.93 13.87
C THR A 214 46.97 -18.13 14.62
N TRP A 215 47.67 -19.20 14.26
CA TRP A 215 49.02 -19.56 14.73
C TRP A 215 50.01 -19.22 13.62
N MET A 216 51.24 -18.86 13.99
CA MET A 216 52.32 -18.47 13.05
C MET A 216 53.65 -19.06 13.54
N LYS A 217 54.70 -18.91 12.71
CA LYS A 217 56.12 -19.20 13.06
C LYS A 217 56.99 -18.06 12.50
N ASN A 218 57.32 -17.06 13.33
CA ASN A 218 58.39 -16.06 13.09
C ASN A 218 58.00 -15.07 11.97
N ILE A 222 52.08 -18.05 8.13
CA ILE A 222 50.94 -18.71 8.85
C ILE A 222 51.47 -20.08 9.32
N VAL A 223 50.58 -21.01 9.68
CA VAL A 223 50.91 -22.45 9.91
C VAL A 223 49.81 -23.31 9.26
N GLN A 224 50.24 -24.39 8.58
CA GLN A 224 49.39 -25.43 7.94
C GLN A 224 48.76 -26.32 9.02
N GLU A 225 47.47 -26.66 8.85
CA GLU A 225 46.71 -27.60 9.73
C GLU A 225 46.53 -26.94 11.11
N ILE A 226 45.92 -25.77 11.11
CA ILE A 226 45.28 -25.12 12.30
C ILE A 226 43.87 -25.67 12.42
N ASP A 227 43.55 -26.38 13.51
CA ASP A 227 42.16 -26.78 13.83
C ASP A 227 41.45 -25.58 14.47
N TYR A 228 40.45 -25.01 13.80
CA TYR A 228 39.69 -23.82 14.25
C TYR A 228 38.40 -24.27 14.92
N GLY A 229 37.98 -23.60 15.99
CA GLY A 229 36.69 -23.82 16.68
C GLY A 229 35.74 -22.68 16.36
N ASP A 230 34.46 -22.96 16.12
CA ASP A 230 33.43 -21.92 15.78
C ASP A 230 33.39 -20.81 16.84
N ILE A 231 33.00 -19.60 16.44
CA ILE A 231 32.63 -18.49 17.36
C ILE A 231 31.27 -18.85 17.97
N LEU A 232 31.22 -19.11 19.29
CA LEU A 232 30.02 -19.53 20.06
C LEU A 232 29.57 -18.40 20.97
N PRO A 233 28.25 -18.24 21.26
CA PRO A 233 27.78 -17.24 22.22
C PRO A 233 27.86 -17.73 23.67
N SER A 234 28.33 -16.87 24.56
CA SER A 234 28.63 -17.18 25.98
C SER A 234 27.35 -17.06 26.83
N GLY A 235 26.32 -16.39 26.30
CA GLY A 235 25.02 -16.25 26.97
C GLY A 235 24.85 -14.89 27.66
N ASP A 236 25.96 -14.17 27.91
CA ASP A 236 25.93 -12.81 28.52
C ASP A 236 26.00 -11.74 27.43
N GLY A 237 25.81 -12.11 26.16
CA GLY A 237 25.99 -11.21 25.00
C GLY A 237 27.45 -11.06 24.56
N THR A 238 28.38 -11.82 25.13
CA THR A 238 29.76 -11.95 24.58
C THR A 238 29.84 -13.30 23.85
N TYR A 239 31.01 -13.57 23.26
CA TYR A 239 31.30 -14.76 22.45
C TYR A 239 32.62 -15.39 22.93
N GLN A 240 32.98 -16.55 22.38
CA GLN A 240 34.25 -17.25 22.68
C GLN A 240 34.66 -18.13 21.50
N ALA A 241 35.96 -18.38 21.33
CA ALA A 241 36.51 -19.08 20.14
C ALA A 241 37.94 -19.48 20.41
N TRP A 242 38.45 -20.47 19.68
CA TRP A 242 39.82 -20.99 19.87
C TRP A 242 40.38 -21.53 18.56
N ALA A 243 41.70 -21.67 18.51
CA ALA A 243 42.49 -22.29 17.43
C ALA A 243 43.56 -23.17 18.08
N SER A 244 43.67 -24.45 17.66
CA SER A 244 44.65 -25.45 18.16
C SER A 244 45.58 -25.86 17.02
N ILE A 245 46.69 -26.55 17.34
CA ILE A 245 47.83 -26.78 16.41
C ILE A 245 48.80 -27.78 17.05
N GLU A 246 49.42 -28.68 16.28
CA GLU A 246 50.38 -29.69 16.78
C GLU A 246 51.83 -29.27 16.48
N LEU A 247 52.80 -29.91 17.14
CA LEU A 247 54.23 -29.51 17.08
C LEU A 247 55.11 -30.70 16.73
N ASP A 248 55.65 -30.73 15.49
CA ASP A 248 56.78 -31.63 15.13
C ASP A 248 57.73 -31.68 16.33
N PRO A 249 57.85 -32.84 17.03
CA PRO A 249 58.72 -32.96 18.22
C PRO A 249 60.18 -32.49 18.09
N SER A 252 61.60 -27.60 17.15
CA SER A 252 61.79 -26.61 18.25
C SER A 252 61.67 -25.20 17.69
N ASN A 253 60.82 -25.03 16.68
CA ASN A 253 60.47 -23.75 16.01
C ASN A 253 59.75 -22.84 17.02
N LEU A 254 59.90 -21.52 16.89
CA LEU A 254 59.32 -20.49 17.80
C LEU A 254 57.93 -20.09 17.27
N TYR A 255 56.87 -20.55 17.94
CA TYR A 255 55.44 -20.37 17.55
C TYR A 255 54.82 -19.24 18.38
N SER A 256 53.63 -18.80 17.98
CA SER A 256 52.88 -17.68 18.60
C SER A 256 51.45 -17.65 18.06
N CYS A 257 50.48 -17.26 18.89
CA CYS A 257 49.06 -17.06 18.54
C CYS A 257 48.81 -15.59 18.22
N HIS A 258 48.28 -15.29 17.02
CA HIS A 258 47.87 -13.94 16.58
C HIS A 258 46.35 -13.85 16.68
N VAL A 259 45.84 -12.77 17.26
CA VAL A 259 44.39 -12.50 17.38
C VAL A 259 44.16 -11.03 17.00
N GLU A 260 43.12 -10.80 16.20
CA GLU A 260 42.66 -9.46 15.79
C GLU A 260 41.17 -9.35 16.14
N HIS A 261 40.81 -8.28 16.83
CA HIS A 261 39.41 -7.98 17.19
C HIS A 261 39.23 -6.47 17.11
N SER A 262 38.11 -6.02 16.53
CA SER A 262 37.61 -4.62 16.59
C SER A 262 38.76 -3.59 16.67
N GLY A 263 39.77 -3.69 15.80
CA GLY A 263 40.79 -2.64 15.61
C GLY A 263 42.08 -2.86 16.42
N VAL A 264 42.15 -3.92 17.25
CA VAL A 264 43.31 -4.22 18.14
C VAL A 264 43.93 -5.58 17.74
N HIS A 265 45.25 -5.62 17.57
N HIS A 265 45.24 -5.63 17.49
CA HIS A 265 46.02 -6.82 17.18
CA HIS A 265 46.01 -6.87 17.18
C HIS A 265 46.83 -7.31 18.40
C HIS A 265 46.77 -7.31 18.45
N MET A 266 46.75 -8.61 18.75
CA MET A 266 47.47 -9.21 19.93
C MET A 266 48.37 -10.35 19.45
N VAL A 267 49.54 -10.51 20.09
CA VAL A 267 50.47 -11.67 19.94
C VAL A 267 50.75 -12.29 21.31
N LEU A 268 50.47 -13.59 21.46
CA LEU A 268 50.85 -14.42 22.64
C LEU A 268 51.85 -15.47 22.18
N GLN A 269 53.11 -15.40 22.63
CA GLN A 269 54.23 -16.19 22.06
C GLN A 269 54.06 -17.68 22.37
N MET B 1 13.88 -33.95 -0.35
CA MET B 1 14.35 -32.76 0.39
C MET B 1 15.65 -33.07 1.16
N ILE B 2 16.43 -32.01 1.39
CA ILE B 2 17.70 -32.03 2.15
C ILE B 2 17.38 -31.62 3.59
N GLN B 3 17.38 -32.60 4.51
CA GLN B 3 17.35 -32.37 5.97
C GLN B 3 18.79 -32.20 6.44
N ARG B 4 19.07 -31.25 7.34
CA ARG B 4 20.39 -31.07 7.98
C ARG B 4 20.28 -31.38 9.49
N THR B 5 20.99 -32.41 9.96
CA THR B 5 21.02 -32.86 11.39
C THR B 5 21.74 -31.81 12.24
N PRO B 6 21.31 -31.51 13.49
CA PRO B 6 21.97 -30.47 14.29
C PRO B 6 23.41 -30.78 14.74
N LYS B 7 24.28 -29.78 14.63
CA LYS B 7 25.56 -29.65 15.34
C LYS B 7 25.18 -29.30 16.77
N ILE B 8 25.78 -29.99 17.74
CA ILE B 8 25.51 -29.80 19.19
C ILE B 8 26.85 -29.60 19.92
N GLN B 9 27.08 -28.38 20.40
CA GLN B 9 28.30 -27.97 21.12
C GLN B 9 27.88 -27.59 22.55
N VAL B 10 28.46 -28.26 23.57
CA VAL B 10 28.20 -27.96 25.02
C VAL B 10 29.46 -27.34 25.60
N TYR B 11 29.31 -26.36 26.49
CA TYR B 11 30.43 -25.52 26.99
C TYR B 11 29.90 -24.62 28.12
N SER B 12 30.85 -23.89 28.72
CA SER B 12 30.50 -23.02 29.87
C SER B 12 30.85 -21.57 29.55
N ARG B 13 30.07 -20.65 30.09
CA ARG B 13 30.24 -19.18 29.87
C ARG B 13 31.72 -18.84 30.09
N HIS B 14 32.17 -18.93 31.34
CA HIS B 14 33.56 -18.56 31.67
C HIS B 14 34.38 -19.81 31.91
N PRO B 15 35.73 -19.73 31.84
CA PRO B 15 36.59 -20.88 32.10
C PRO B 15 36.06 -21.67 33.31
N ALA B 16 36.15 -23.00 33.27
CA ALA B 16 35.52 -23.82 34.34
C ALA B 16 36.44 -24.04 35.54
N GLU B 17 35.89 -23.95 36.76
CA GLU B 17 36.66 -24.20 38.00
C GLU B 17 35.73 -24.90 38.99
N ASN B 18 36.12 -26.10 39.44
CA ASN B 18 35.22 -26.89 40.33
C ASN B 18 34.85 -26.04 41.55
N GLY B 19 33.54 -25.92 41.82
CA GLY B 19 33.05 -25.16 42.98
C GLY B 19 32.67 -23.74 42.60
N LYS B 20 33.12 -23.29 41.43
CA LYS B 20 32.86 -21.89 41.02
C LYS B 20 31.60 -21.83 40.16
N SER B 21 30.55 -21.14 40.62
CA SER B 21 29.28 -21.07 39.88
C SER B 21 29.52 -20.53 38.48
N ASN B 22 29.12 -21.29 37.45
CA ASN B 22 29.24 -20.80 36.06
C ASN B 22 27.90 -20.96 35.37
N PHE B 23 27.90 -21.05 34.05
CA PHE B 23 26.64 -21.22 33.26
C PHE B 23 26.87 -22.28 32.18
N LEU B 24 26.05 -23.33 32.15
CA LEU B 24 26.16 -24.42 31.16
C LEU B 24 25.42 -23.98 29.89
N ASN B 25 26.10 -23.98 28.74
CA ASN B 25 25.51 -23.58 27.42
C ASN B 25 25.39 -24.81 26.53
N CYS B 26 24.24 -24.98 25.88
CA CYS B 26 24.08 -25.89 24.72
C CYS B 26 23.65 -25.08 23.48
N TYR B 27 24.57 -24.97 22.52
CA TYR B 27 24.39 -24.32 21.20
C TYR B 27 24.05 -25.41 20.17
N VAL B 28 22.83 -25.35 19.65
CA VAL B 28 22.32 -26.26 18.58
C VAL B 28 22.24 -25.43 17.30
N SER B 29 22.97 -25.82 16.24
CA SER B 29 23.11 -24.99 15.01
C SER B 29 23.02 -25.85 13.76
N GLY B 30 22.70 -25.21 12.64
CA GLY B 30 22.82 -25.78 11.28
C GLY B 30 21.79 -26.85 11.00
N PHE B 31 20.68 -26.89 11.76
CA PHE B 31 19.64 -27.94 11.58
C PHE B 31 18.50 -27.45 10.65
N HIS B 32 17.79 -28.41 10.02
CA HIS B 32 16.61 -28.19 9.12
C HIS B 32 15.80 -29.48 9.02
N PRO B 33 14.47 -29.49 9.30
CA PRO B 33 13.66 -28.28 9.50
C PRO B 33 13.83 -27.68 10.91
N SER B 34 12.89 -26.80 11.31
CA SER B 34 12.94 -25.91 12.49
C SER B 34 12.61 -26.68 13.78
N ASP B 35 11.72 -27.65 13.68
CA ASP B 35 11.20 -28.46 14.83
C ASP B 35 12.39 -29.14 15.50
N ILE B 36 12.51 -28.99 16.83
CA ILE B 36 13.60 -29.53 17.67
C ILE B 36 13.18 -29.54 19.14
N GLU B 37 13.77 -30.45 19.91
CA GLU B 37 13.51 -30.69 21.34
C GLU B 37 14.87 -30.78 22.07
N VAL B 38 15.11 -29.90 23.05
CA VAL B 38 16.39 -29.86 23.81
C VAL B 38 16.06 -29.89 25.30
N ASP B 39 16.78 -30.73 26.06
CA ASP B 39 16.93 -30.60 27.54
C ASP B 39 18.43 -30.64 27.89
N LEU B 40 18.79 -30.00 29.01
CA LEU B 40 20.11 -30.16 29.68
C LEU B 40 19.97 -31.23 30.74
N LEU B 41 21.00 -32.07 30.89
CA LEU B 41 21.04 -33.15 31.92
C LEU B 41 22.13 -32.85 32.96
N LYS B 42 21.78 -32.92 34.25
CA LYS B 42 22.74 -33.13 35.38
C LYS B 42 22.65 -34.60 35.81
N ASN B 43 23.69 -35.36 35.50
CA ASN B 43 23.83 -36.80 35.85
C ASN B 43 22.72 -37.59 35.16
N GLY B 44 22.41 -37.22 33.91
CA GLY B 44 21.51 -37.98 33.02
C GLY B 44 20.04 -37.77 33.33
N GLU B 45 19.69 -37.04 34.39
CA GLU B 45 18.29 -36.63 34.70
C GLU B 45 18.06 -35.22 34.14
N ARG B 46 16.84 -34.93 33.72
CA ARG B 46 16.50 -33.59 33.15
C ARG B 46 16.69 -32.52 34.22
N ILE B 47 17.12 -31.32 33.83
CA ILE B 47 17.22 -30.09 34.68
C ILE B 47 15.92 -29.28 34.51
N GLU B 48 15.26 -28.92 35.60
CA GLU B 48 13.88 -28.36 35.58
C GLU B 48 13.90 -26.92 35.05
N LYS B 49 14.80 -26.05 35.55
CA LYS B 49 14.79 -24.59 35.23
C LYS B 49 15.88 -24.28 34.19
N VAL B 50 15.53 -24.36 32.90
CA VAL B 50 16.40 -24.03 31.74
C VAL B 50 15.80 -22.82 31.01
N GLU B 51 16.65 -21.86 30.60
CA GLU B 51 16.32 -20.72 29.71
C GLU B 51 16.79 -21.04 28.28
N HIS B 52 16.25 -20.38 27.25
CA HIS B 52 16.72 -20.49 25.84
C HIS B 52 16.44 -19.24 25.01
N SER B 53 17.25 -19.04 23.98
CA SER B 53 17.02 -18.09 22.86
C SER B 53 15.73 -18.48 22.14
N ASP B 54 15.11 -17.51 21.44
CA ASP B 54 14.08 -17.80 20.42
C ASP B 54 14.75 -18.54 19.26
N LEU B 55 13.98 -19.38 18.56
CA LEU B 55 14.44 -19.95 17.27
C LEU B 55 15.15 -18.84 16.51
N SER B 56 16.29 -19.16 15.91
CA SER B 56 17.15 -18.17 15.24
C SER B 56 17.51 -18.65 13.82
N PHE B 57 17.58 -17.70 12.87
CA PHE B 57 17.66 -17.97 11.42
C PHE B 57 19.05 -17.59 10.91
N SER B 58 19.69 -18.54 10.21
CA SER B 58 20.96 -18.37 9.46
C SER B 58 20.67 -18.02 8.00
N LYS B 59 21.62 -17.30 7.39
CA LYS B 59 21.59 -16.90 5.96
C LYS B 59 21.74 -18.15 5.07
N ASP B 60 22.13 -19.31 5.60
CA ASP B 60 22.17 -20.56 4.80
C ASP B 60 20.87 -21.35 4.97
N TRP B 61 19.84 -20.71 5.55
CA TRP B 61 18.45 -21.19 5.74
C TRP B 61 18.31 -22.17 6.92
N SER B 62 19.41 -22.59 7.55
CA SER B 62 19.38 -23.49 8.74
C SER B 62 19.08 -22.66 9.99
N PHE B 63 18.81 -23.35 11.10
CA PHE B 63 18.37 -22.77 12.39
C PHE B 63 19.44 -23.01 13.46
N TYR B 64 19.49 -22.10 14.43
CA TYR B 64 20.28 -22.24 15.67
C TYR B 64 19.49 -21.69 16.87
N LEU B 65 19.96 -22.04 18.06
CA LEU B 65 19.33 -21.86 19.38
C LEU B 65 20.42 -21.88 20.44
N LEU B 66 20.26 -21.09 21.50
CA LEU B 66 21.05 -21.24 22.75
C LEU B 66 20.12 -21.73 23.89
N TYR B 67 20.51 -22.84 24.50
CA TYR B 67 19.89 -23.48 25.70
C TYR B 67 20.91 -23.42 26.84
N TYR B 68 20.53 -22.82 27.98
CA TYR B 68 21.50 -22.59 29.08
C TYR B 68 20.81 -22.61 30.45
N THR B 69 21.59 -23.03 31.47
CA THR B 69 21.22 -23.12 32.91
C THR B 69 22.39 -22.65 33.78
N GLU B 70 22.06 -21.90 34.83
CA GLU B 70 22.93 -21.56 35.98
C GLU B 70 23.35 -22.85 36.71
N PHE B 71 24.66 -23.11 36.77
CA PHE B 71 25.15 -24.37 37.39
C PHE B 71 26.49 -24.17 38.10
N THR B 72 26.74 -24.91 39.19
CA THR B 72 28.05 -24.88 39.87
C THR B 72 28.64 -26.28 39.73
N PRO B 73 29.69 -26.49 38.92
CA PRO B 73 30.21 -27.82 38.63
C PRO B 73 31.20 -28.34 39.67
N THR B 74 31.40 -29.66 39.68
CA THR B 74 32.22 -30.38 40.69
C THR B 74 32.85 -31.64 40.05
N GLU B 75 33.81 -32.25 40.75
CA GLU B 75 34.54 -33.47 40.31
C GLU B 75 33.55 -34.51 39.77
N LYS B 76 32.53 -34.87 40.55
CA LYS B 76 31.70 -36.10 40.31
C LYS B 76 30.44 -35.82 39.48
N ASP B 77 30.05 -34.55 39.27
CA ASP B 77 28.79 -34.21 38.58
C ASP B 77 29.03 -34.18 37.06
N GLU B 78 28.26 -34.98 36.33
CA GLU B 78 28.30 -35.09 34.84
C GLU B 78 27.17 -34.24 34.22
N TYR B 79 27.50 -33.46 33.19
CA TYR B 79 26.55 -32.54 32.52
C TYR B 79 26.52 -32.88 31.03
N ALA B 80 25.31 -32.82 30.46
CA ALA B 80 25.04 -33.12 29.03
C ALA B 80 23.92 -32.23 28.48
N CYS B 81 23.84 -32.23 27.15
CA CYS B 81 22.73 -31.72 26.34
C CYS B 81 22.11 -32.92 25.62
N ARG B 82 20.79 -33.07 25.65
CA ARG B 82 20.07 -34.14 24.89
C ARG B 82 19.20 -33.45 23.84
N VAL B 83 19.30 -33.87 22.57
CA VAL B 83 18.65 -33.17 21.41
C VAL B 83 17.87 -34.20 20.58
N ASN B 84 16.65 -33.85 20.19
CA ASN B 84 15.78 -34.66 19.32
C ASN B 84 15.35 -33.82 18.10
N HIS B 85 15.16 -34.50 16.97
CA HIS B 85 15.02 -33.89 15.63
C HIS B 85 14.63 -34.98 14.63
N VAL B 86 13.97 -34.60 13.53
CA VAL B 86 13.44 -35.57 12.52
C VAL B 86 14.63 -36.39 11.97
N THR B 87 15.84 -35.81 12.00
CA THR B 87 17.08 -36.43 11.43
C THR B 87 17.62 -37.56 12.31
N LEU B 88 17.08 -37.79 13.52
CA LEU B 88 17.68 -38.65 14.57
C LEU B 88 16.70 -39.76 15.00
N SER B 89 17.05 -41.04 14.84
CA SER B 89 16.14 -42.15 15.23
C SER B 89 16.00 -42.18 16.77
N GLN B 90 16.92 -41.54 17.50
CA GLN B 90 16.81 -41.39 18.97
C GLN B 90 17.48 -40.13 19.47
N PRO B 91 17.02 -39.56 20.61
CA PRO B 91 17.54 -38.27 21.07
C PRO B 91 19.06 -38.40 21.28
N LYS B 92 19.85 -37.54 20.66
CA LYS B 92 21.34 -37.49 20.79
C LYS B 92 21.73 -36.86 22.13
N ILE B 93 22.49 -37.61 22.95
CA ILE B 93 23.10 -37.06 24.19
C ILE B 93 24.52 -36.64 23.85
N VAL B 94 24.93 -35.43 24.26
CA VAL B 94 26.29 -34.86 24.10
C VAL B 94 26.78 -34.41 25.49
N LYS B 95 27.88 -34.99 25.97
CA LYS B 95 28.43 -34.72 27.33
C LYS B 95 29.41 -33.54 27.25
N TRP B 96 29.47 -32.79 28.35
CA TRP B 96 30.42 -31.67 28.47
C TRP B 96 31.79 -32.23 28.84
N ASP B 97 32.85 -31.52 28.50
CA ASP B 97 34.26 -31.95 28.73
C ASP B 97 35.01 -30.92 29.61
N ARG B 98 36.33 -30.87 29.51
CA ARG B 98 37.12 -29.87 30.26
C ARG B 98 36.21 -28.74 30.74
N GLN C 4 4.95 15.49 6.86
CA GLN C 4 4.34 14.47 5.93
C GLN C 4 3.31 15.17 5.01
N ASN C 5 3.75 16.23 4.31
CA ASN C 5 2.90 17.09 3.43
C ASN C 5 3.11 16.75 1.95
N ILE C 6 2.16 17.17 1.13
CA ILE C 6 2.16 16.97 -0.35
C ILE C 6 1.37 18.13 -0.99
N ASP C 7 1.95 18.76 -2.02
CA ASP C 7 1.37 19.92 -2.76
C ASP C 7 1.29 19.64 -4.26
N GLN C 8 0.10 19.91 -4.81
CA GLN C 8 -0.19 20.00 -6.26
C GLN C 8 -1.16 21.17 -6.43
N PRO C 9 -1.20 21.80 -7.63
CA PRO C 9 -2.03 23.00 -7.83
C PRO C 9 -3.52 22.62 -7.88
N THR C 10 -4.41 23.48 -7.37
CA THR C 10 -5.87 23.22 -7.33
C THR C 10 -6.39 22.98 -8.75
N GLU C 11 -6.17 23.96 -9.63
CA GLU C 11 -6.76 23.97 -11.00
C GLU C 11 -5.70 24.33 -12.02
N MET C 12 -5.79 23.72 -13.19
CA MET C 12 -4.99 24.11 -14.38
C MET C 12 -5.88 24.04 -15.63
N THR C 13 -5.71 25.00 -16.53
CA THR C 13 -6.48 25.06 -17.80
C THR C 13 -5.48 25.26 -18.97
N ALA C 14 -5.67 24.50 -20.04
CA ALA C 14 -4.77 24.42 -21.21
C ALA C 14 -5.57 24.21 -22.51
N THR C 15 -5.04 24.66 -23.66
CA THR C 15 -5.76 24.52 -24.93
C THR C 15 -5.57 23.11 -25.51
N GLU C 16 -6.68 22.53 -25.97
CA GLU C 16 -6.75 21.31 -26.81
C GLU C 16 -5.58 21.30 -27.78
N GLY C 17 -4.82 20.21 -27.83
CA GLY C 17 -3.71 20.02 -28.79
C GLY C 17 -2.35 20.41 -28.22
N ALA C 18 -2.29 20.99 -27.02
CA ALA C 18 -1.07 21.58 -26.40
C ALA C 18 -0.53 20.69 -25.27
N ILE C 19 0.28 21.28 -24.38
CA ILE C 19 1.06 20.56 -23.32
C ILE C 19 0.72 21.08 -21.92
N VAL C 20 0.53 20.17 -20.97
CA VAL C 20 0.41 20.60 -19.55
C VAL C 20 1.31 19.71 -18.70
N GLN C 21 2.09 20.35 -17.83
CA GLN C 21 2.95 19.75 -16.79
C GLN C 21 2.29 19.95 -15.43
N ILE C 22 1.82 18.87 -14.80
CA ILE C 22 1.21 18.96 -13.45
C ILE C 22 2.27 18.58 -12.41
N ASN C 23 2.70 19.57 -11.64
CA ASN C 23 3.73 19.41 -10.59
C ASN C 23 3.09 18.85 -9.32
N CYS C 24 3.91 18.14 -8.53
CA CYS C 24 3.59 17.51 -7.22
C CYS C 24 4.88 17.51 -6.41
N THR C 25 4.85 18.13 -5.22
CA THR C 25 5.96 18.16 -4.24
C THR C 25 5.54 17.43 -2.94
N TYR C 26 6.48 16.85 -2.20
CA TYR C 26 6.18 15.97 -1.05
C TYR C 26 7.39 15.98 -0.11
N GLN C 27 7.17 16.29 1.18
CA GLN C 27 8.17 16.15 2.27
C GLN C 27 7.82 14.85 3.00
N THR C 28 8.77 13.94 3.13
CA THR C 28 8.64 12.69 3.92
C THR C 28 10.03 12.22 4.35
N SER C 29 10.13 11.57 5.51
CA SER C 29 11.33 10.79 5.91
C SER C 29 11.02 9.32 5.60
N GLY C 30 11.15 8.91 4.33
CA GLY C 30 10.78 7.58 3.86
C GLY C 30 9.88 7.62 2.64
N PHE C 31 10.18 6.78 1.64
CA PHE C 31 9.53 6.80 0.31
C PHE C 31 9.44 5.39 -0.26
N ASN C 32 8.25 4.95 -0.69
CA ASN C 32 8.11 3.63 -1.35
C ASN C 32 7.47 3.80 -2.72
N GLY C 33 7.47 5.03 -3.26
CA GLY C 33 7.03 5.32 -4.63
C GLY C 33 5.98 6.41 -4.69
N LEU C 34 5.88 7.07 -5.85
CA LEU C 34 4.84 8.09 -6.11
C LEU C 34 3.94 7.61 -7.24
N PHE C 35 2.64 7.84 -7.05
CA PHE C 35 1.57 7.46 -7.99
C PHE C 35 0.89 8.72 -8.50
N TRP C 36 0.38 8.65 -9.73
CA TRP C 36 -0.64 9.57 -10.30
C TRP C 36 -1.86 8.74 -10.63
N TYR C 37 -3.02 9.19 -10.16
CA TYR C 37 -4.34 8.64 -10.56
C TYR C 37 -5.08 9.75 -11.33
N GLN C 38 -5.84 9.32 -12.33
CA GLN C 38 -6.81 10.15 -13.12
C GLN C 38 -8.21 9.94 -12.54
N GLN C 39 -8.96 11.01 -12.30
CA GLN C 39 -10.38 10.96 -11.85
C GLN C 39 -11.25 11.89 -12.71
N HIS C 40 -12.05 11.30 -13.58
CA HIS C 40 -13.11 12.01 -14.34
C HIS C 40 -14.22 12.39 -13.38
N ALA C 41 -14.94 13.50 -13.62
CA ALA C 41 -16.04 13.98 -12.76
C ALA C 41 -17.06 12.85 -12.61
N GLY C 42 -17.43 12.52 -11.36
CA GLY C 42 -18.42 11.49 -11.03
C GLY C 42 -17.91 10.06 -11.18
N GLU C 43 -16.63 9.86 -11.49
CA GLU C 43 -16.04 8.51 -11.74
C GLU C 43 -15.02 8.16 -10.65
N ALA C 44 -14.57 6.92 -10.70
CA ALA C 44 -13.58 6.30 -9.79
C ALA C 44 -12.17 6.72 -10.20
N PRO C 45 -11.26 7.10 -9.28
CA PRO C 45 -9.86 7.33 -9.63
C PRO C 45 -9.32 6.04 -10.29
N THR C 46 -8.48 6.19 -11.33
CA THR C 46 -7.88 5.03 -12.06
C THR C 46 -6.36 5.23 -12.17
N PHE C 47 -5.61 4.14 -12.02
CA PHE C 47 -4.13 4.15 -11.95
C PHE C 47 -3.58 4.73 -13.25
N LEU C 48 -2.69 5.74 -13.19
CA LEU C 48 -1.96 6.25 -14.37
C LEU C 48 -0.49 5.79 -14.36
N SER C 49 0.26 6.13 -13.29
CA SER C 49 1.74 6.08 -13.25
C SER C 49 2.25 5.70 -11.86
N TYR C 50 3.32 4.88 -11.80
CA TYR C 50 4.18 4.60 -10.62
C TYR C 50 5.62 4.98 -10.97
N ASN C 51 6.21 5.84 -10.14
CA ASN C 51 7.66 6.15 -10.17
C ASN C 51 8.21 5.98 -8.76
N VAL C 52 9.40 5.42 -8.64
CA VAL C 52 10.09 5.20 -7.34
C VAL C 52 11.57 5.54 -7.46
N LEU C 53 12.23 5.20 -8.58
CA LEU C 53 13.61 5.65 -8.88
C LEU C 53 13.54 7.02 -9.57
N ASP C 54 14.62 7.79 -9.56
CA ASP C 54 14.71 9.08 -10.29
C ASP C 54 14.57 8.81 -11.79
N GLY C 55 13.84 9.68 -12.48
CA GLY C 55 13.80 9.70 -13.96
C GLY C 55 12.39 9.83 -14.49
N LEU C 56 12.24 9.54 -15.78
CA LEU C 56 11.02 9.74 -16.60
C LEU C 56 10.52 8.37 -17.05
N GLU C 57 9.20 8.19 -17.12
CA GLU C 57 8.52 7.05 -17.77
C GLU C 57 7.50 7.63 -18.77
N GLU C 58 7.28 6.96 -19.89
CA GLU C 58 6.35 7.40 -20.97
C GLU C 58 5.47 6.22 -21.36
N LYS C 59 4.15 6.38 -21.24
CA LYS C 59 3.10 5.51 -21.82
C LYS C 59 2.23 6.43 -22.68
N GLY C 60 2.56 6.53 -23.97
CA GLY C 60 1.80 7.29 -24.99
C GLY C 60 1.91 8.79 -24.82
N ARG C 61 0.76 9.46 -24.66
CA ARG C 61 0.68 10.94 -24.62
C ARG C 61 1.07 11.42 -23.22
N PHE C 62 1.28 10.47 -22.31
CA PHE C 62 1.47 10.68 -20.84
C PHE C 62 2.92 10.33 -20.50
N SER C 63 3.57 11.18 -19.72
CA SER C 63 4.90 10.97 -19.12
C SER C 63 4.82 11.25 -17.61
N SER C 64 5.60 10.55 -16.80
CA SER C 64 5.76 10.87 -15.36
C SER C 64 7.24 10.93 -15.00
N PHE C 65 7.63 12.02 -14.33
CA PHE C 65 9.03 12.26 -13.88
C PHE C 65 9.07 12.25 -12.36
N LEU C 66 10.19 11.80 -11.79
CA LEU C 66 10.42 11.86 -10.33
C LEU C 66 11.88 12.25 -10.03
N SER C 67 12.05 13.24 -9.14
CA SER C 67 13.30 13.51 -8.39
C SER C 67 13.10 13.16 -6.91
N ARG C 68 13.64 12.02 -6.44
CA ARG C 68 13.62 11.60 -5.02
C ARG C 68 14.25 12.70 -4.16
N SER C 69 15.41 13.23 -4.58
CA SER C 69 16.18 14.23 -3.82
C SER C 69 15.32 15.50 -3.72
N LYS C 70 14.94 16.08 -4.86
CA LYS C 70 14.15 17.34 -4.90
C LYS C 70 12.72 17.09 -4.38
N GLY C 71 12.33 15.83 -4.15
CA GLY C 71 10.98 15.45 -3.66
C GLY C 71 9.89 15.98 -4.58
N TYR C 72 10.09 15.78 -5.87
CA TYR C 72 9.36 16.51 -6.94
C TYR C 72 8.89 15.44 -7.93
N SER C 73 7.66 15.56 -8.41
CA SER C 73 7.14 14.72 -9.52
C SER C 73 6.40 15.65 -10.48
N TYR C 74 6.29 15.27 -11.76
CA TYR C 74 5.37 15.93 -12.72
C TYR C 74 4.70 14.84 -13.56
N LEU C 75 3.40 15.07 -13.84
CA LEU C 75 2.64 14.36 -14.88
C LEU C 75 2.59 15.30 -16.09
N LEU C 76 3.18 14.87 -17.22
CA LEU C 76 3.25 15.63 -18.50
C LEU C 76 2.29 15.00 -19.50
N LEU C 77 1.27 15.76 -19.92
CA LEU C 77 0.26 15.30 -20.92
C LEU C 77 0.49 16.05 -22.24
N LYS C 78 0.82 15.32 -23.30
CA LYS C 78 1.05 15.91 -24.65
C LYS C 78 -0.22 15.81 -25.50
N GLU C 79 -0.35 16.65 -26.53
CA GLU C 79 -1.42 16.59 -27.56
C GLU C 79 -2.77 16.50 -26.85
N LEU C 80 -3.03 17.43 -25.95
CA LEU C 80 -4.20 17.41 -25.04
C LEU C 80 -5.47 17.15 -25.85
N GLN C 81 -6.35 16.30 -25.33
CA GLN C 81 -7.71 16.08 -25.85
C GLN C 81 -8.77 16.45 -24.79
N MET C 82 -10.00 16.73 -25.22
CA MET C 82 -11.11 17.16 -24.34
C MET C 82 -11.30 16.10 -23.23
N LYS C 83 -11.12 14.81 -23.57
CA LYS C 83 -11.27 13.65 -22.66
C LYS C 83 -10.23 13.71 -21.52
N ASP C 84 -9.11 14.42 -21.67
CA ASP C 84 -8.13 14.62 -20.56
C ASP C 84 -8.70 15.55 -19.49
N SER C 85 -9.85 16.18 -19.69
CA SER C 85 -10.54 16.95 -18.60
C SER C 85 -10.82 15.95 -17.48
N ALA C 86 -10.31 16.21 -16.28
CA ALA C 86 -10.32 15.25 -15.14
C ALA C 86 -9.59 15.86 -13.95
N SER C 87 -9.69 15.25 -12.76
CA SER C 87 -8.76 15.58 -11.66
C SER C 87 -7.59 14.60 -11.72
N TYR C 88 -6.36 15.09 -11.52
CA TYR C 88 -5.11 14.29 -11.46
C TYR C 88 -4.60 14.30 -10.01
N LEU C 89 -4.63 13.13 -9.38
CA LEU C 89 -4.29 12.92 -7.95
C LEU C 89 -2.84 12.43 -7.88
N CYS C 90 -1.97 13.08 -7.11
CA CYS C 90 -0.67 12.43 -6.78
C CYS C 90 -0.72 11.91 -5.33
N ALA C 91 0.00 10.80 -5.15
CA ALA C 91 0.10 10.05 -3.90
C ALA C 91 1.49 9.44 -3.81
N PHE C 92 2.03 9.37 -2.60
CA PHE C 92 3.24 8.52 -2.30
C PHE C 92 2.97 7.59 -1.11
N LEU C 93 3.65 6.43 -1.14
CA LEU C 93 3.83 5.52 0.02
C LEU C 93 4.99 6.05 0.87
N ASP C 94 4.74 6.33 2.16
CA ASP C 94 5.77 6.67 3.17
C ASP C 94 6.52 5.40 3.66
N SER C 95 7.28 5.50 4.75
CA SER C 95 8.16 4.40 5.25
C SER C 95 7.31 3.24 5.75
N ASN C 96 6.10 3.56 6.23
CA ASN C 96 5.11 2.62 6.84
C ASN C 96 4.11 2.10 5.82
N TYR C 97 4.32 2.36 4.52
CA TYR C 97 3.43 2.01 3.40
C TYR C 97 2.06 2.67 3.57
N GLN C 98 2.00 3.85 4.18
CA GLN C 98 0.75 4.64 4.20
C GLN C 98 0.72 5.49 2.93
N LEU C 99 -0.39 5.41 2.19
CA LEU C 99 -0.65 6.12 0.91
C LEU C 99 -1.17 7.51 1.27
N ILE C 100 -0.34 8.53 1.08
CA ILE C 100 -0.60 9.97 1.36
C ILE C 100 -1.08 10.63 0.06
N TRP C 101 -2.31 11.12 0.04
CA TRP C 101 -2.99 11.65 -1.18
C TRP C 101 -2.85 13.19 -1.21
N GLY C 102 -2.48 13.74 -2.38
CA GLY C 102 -2.62 15.19 -2.64
C GLY C 102 -4.08 15.57 -2.81
N ALA C 103 -4.40 16.86 -2.66
CA ALA C 103 -5.77 17.41 -2.78
C ALA C 103 -6.27 17.30 -4.22
N GLY C 104 -5.40 16.97 -5.17
CA GLY C 104 -5.78 16.77 -6.58
C GLY C 104 -5.70 18.05 -7.40
N THR C 105 -5.39 17.92 -8.69
CA THR C 105 -5.41 19.02 -9.70
C THR C 105 -6.55 18.79 -10.71
N LYS C 106 -7.53 19.69 -10.73
CA LYS C 106 -8.59 19.73 -11.78
C LYS C 106 -8.02 20.30 -13.10
N LEU C 107 -7.87 19.46 -14.13
CA LEU C 107 -7.34 19.89 -15.45
C LEU C 107 -8.53 20.23 -16.36
N ILE C 108 -8.68 21.53 -16.66
CA ILE C 108 -9.70 22.03 -17.62
C ILE C 108 -9.03 22.19 -19.00
N ILE C 109 -9.65 21.61 -20.03
CA ILE C 109 -9.19 21.69 -21.45
C ILE C 109 -10.13 22.61 -22.23
N LYS C 110 -9.61 23.71 -22.77
CA LYS C 110 -10.36 24.59 -23.70
C LYS C 110 -10.28 24.03 -25.12
N PRO C 111 -11.43 23.86 -25.82
CA PRO C 111 -11.40 23.46 -27.22
C PRO C 111 -10.84 24.62 -28.04
N ASP C 112 -10.13 24.31 -29.13
CA ASP C 112 -9.62 25.31 -30.09
C ASP C 112 -10.74 25.69 -31.07
N ILE C 113 -11.59 26.67 -30.75
CA ILE C 113 -12.72 27.05 -31.65
C ILE C 113 -12.15 27.89 -32.79
N GLN C 114 -12.10 27.34 -34.00
CA GLN C 114 -11.51 27.99 -35.20
C GLN C 114 -12.41 29.14 -35.63
N ASN C 115 -13.72 28.91 -35.65
CA ASN C 115 -14.71 29.91 -36.12
C ASN C 115 -15.64 30.29 -34.97
N PRO C 116 -15.17 31.13 -34.01
CA PRO C 116 -16.06 31.77 -33.05
C PRO C 116 -17.29 32.30 -33.79
N ASP C 117 -18.49 31.96 -33.32
CA ASP C 117 -19.76 32.51 -33.84
C ASP C 117 -20.65 32.82 -32.64
N PRO C 118 -20.19 33.70 -31.72
CA PRO C 118 -20.90 33.94 -30.47
C PRO C 118 -22.33 34.50 -30.67
N ALA C 119 -23.33 33.64 -30.50
CA ALA C 119 -24.78 33.97 -30.49
C ALA C 119 -25.34 33.78 -29.08
N VAL C 120 -26.42 34.50 -28.73
CA VAL C 120 -27.29 34.21 -27.56
C VAL C 120 -28.68 33.91 -28.10
N TYR C 121 -29.30 32.81 -27.69
CA TYR C 121 -30.61 32.35 -28.21
C TYR C 121 -31.59 32.13 -27.05
N GLN C 122 -32.88 32.21 -27.34
CA GLN C 122 -33.96 31.90 -26.36
C GLN C 122 -34.65 30.62 -26.82
N LEU C 123 -34.68 29.60 -25.96
CA LEU C 123 -35.45 28.35 -26.16
C LEU C 123 -36.78 28.45 -25.38
N ARG C 124 -37.91 28.13 -26.03
CA ARG C 124 -39.24 28.11 -25.35
C ARG C 124 -39.52 26.74 -24.75
N ASP C 125 -40.28 26.71 -23.65
CA ASP C 125 -40.68 25.46 -22.95
C ASP C 125 -41.64 24.72 -23.87
N SER C 126 -41.49 23.40 -24.06
CA SER C 126 -42.37 22.58 -24.91
C SER C 126 -43.72 22.31 -24.22
N LYS C 127 -43.88 22.65 -22.92
CA LYS C 127 -45.17 22.56 -22.17
C LYS C 127 -45.71 23.93 -21.73
N SER C 128 -44.86 24.96 -21.56
CA SER C 128 -45.19 26.23 -20.82
C SER C 128 -45.36 27.42 -21.80
N SER C 129 -44.95 28.64 -21.40
CA SER C 129 -45.08 29.90 -22.16
C SER C 129 -44.04 29.97 -23.29
N LYS C 131 -42.36 30.61 -19.38
CA LYS C 131 -41.14 29.96 -18.80
C LYS C 131 -40.15 29.63 -19.95
N SER C 132 -38.87 30.02 -19.80
CA SER C 132 -37.86 30.00 -20.91
C SER C 132 -36.42 30.03 -20.38
N VAL C 133 -35.53 29.34 -21.09
CA VAL C 133 -34.07 29.42 -20.85
C VAL C 133 -33.40 30.21 -21.98
N CYS C 134 -32.21 30.75 -21.69
CA CYS C 134 -31.29 31.44 -22.62
C CYS C 134 -30.03 30.59 -22.79
N LEU C 135 -29.56 30.45 -24.02
CA LEU C 135 -28.39 29.64 -24.42
C LEU C 135 -27.37 30.59 -25.06
N PHE C 136 -26.28 30.91 -24.37
CA PHE C 136 -25.09 31.62 -24.93
C PHE C 136 -24.16 30.55 -25.49
N THR C 137 -23.91 30.52 -26.80
CA THR C 137 -23.26 29.38 -27.50
C THR C 137 -22.27 29.87 -28.56
N ASP C 138 -21.36 28.96 -28.93
CA ASP C 138 -20.46 29.08 -30.10
C ASP C 138 -19.39 30.16 -29.84
N PHE C 139 -19.16 30.54 -28.57
CA PHE C 139 -18.16 31.58 -28.22
C PHE C 139 -16.76 30.92 -28.12
N ASP C 140 -15.75 31.78 -28.02
CA ASP C 140 -14.31 31.41 -28.08
C ASP C 140 -13.91 31.03 -26.65
N SER C 141 -13.06 30.00 -26.50
CA SER C 141 -12.74 29.37 -25.19
C SER C 141 -12.05 30.36 -24.25
N GLN C 142 -11.45 31.44 -24.80
CA GLN C 142 -10.75 32.49 -24.03
C GLN C 142 -11.76 33.49 -23.45
N THR C 143 -13.07 33.20 -23.55
CA THR C 143 -14.19 34.04 -23.01
C THR C 143 -14.63 33.51 -21.64
N ASN C 144 -14.65 34.38 -20.63
CA ASN C 144 -15.13 34.07 -19.27
C ASN C 144 -16.65 34.31 -19.23
N VAL C 145 -17.41 33.43 -18.57
CA VAL C 145 -18.88 33.60 -18.33
C VAL C 145 -19.06 34.10 -16.88
N SER C 146 -19.38 35.38 -16.74
CA SER C 146 -19.56 36.12 -15.46
C SER C 146 -20.82 35.61 -14.73
N GLN C 147 -20.86 35.82 -13.41
CA GLN C 147 -22.00 35.45 -12.52
C GLN C 147 -23.19 36.40 -12.71
N SER C 148 -24.36 36.01 -12.18
CA SER C 148 -25.71 36.53 -12.51
C SER C 148 -25.84 38.02 -12.15
N LYS C 149 -25.48 38.40 -10.91
CA LYS C 149 -25.68 39.76 -10.35
C LYS C 149 -27.13 39.90 -9.84
N ASP C 150 -27.84 38.77 -9.69
CA ASP C 150 -29.30 38.70 -9.43
C ASP C 150 -29.59 37.30 -8.86
N SER C 151 -30.44 37.21 -7.83
CA SER C 151 -30.73 35.96 -7.07
C SER C 151 -31.75 35.09 -7.84
N ASP C 152 -32.59 35.72 -8.67
CA ASP C 152 -33.67 35.07 -9.47
C ASP C 152 -33.18 34.69 -10.88
N VAL C 153 -31.89 34.87 -11.20
CA VAL C 153 -31.32 34.57 -12.55
C VAL C 153 -30.15 33.59 -12.38
N TYR C 154 -30.27 32.38 -12.94
CA TYR C 154 -29.32 31.26 -12.75
C TYR C 154 -28.49 31.10 -14.02
N ILE C 155 -27.16 31.02 -13.90
CA ILE C 155 -26.20 30.93 -15.03
C ILE C 155 -25.24 29.77 -14.75
N THR C 156 -25.15 28.80 -15.67
CA THR C 156 -24.31 27.58 -15.49
C THR C 156 -22.85 27.88 -15.89
N ASP C 157 -21.92 26.98 -15.56
CA ASP C 157 -20.53 27.02 -16.06
C ASP C 157 -20.58 26.71 -17.56
N LYS C 158 -19.54 27.09 -18.31
CA LYS C 158 -19.52 26.81 -19.76
C LYS C 158 -19.33 25.29 -19.89
N CYS C 159 -20.09 24.68 -20.80
CA CYS C 159 -20.11 23.25 -21.12
C CYS C 159 -19.65 23.07 -22.58
N VAL C 160 -18.64 22.23 -22.80
CA VAL C 160 -18.01 21.99 -24.12
C VAL C 160 -18.68 20.77 -24.74
N LEU C 161 -19.56 20.95 -25.72
CA LEU C 161 -20.17 19.76 -26.35
C LEU C 161 -19.40 19.46 -27.64
N ASP C 162 -19.57 18.23 -28.12
CA ASP C 162 -18.87 17.68 -29.30
C ASP C 162 -19.90 16.88 -30.12
N MET C 163 -20.37 17.47 -31.22
CA MET C 163 -21.28 16.74 -32.13
C MET C 163 -20.41 16.13 -33.22
N ARG C 164 -19.74 15.03 -32.90
CA ARG C 164 -18.89 14.34 -33.90
C ARG C 164 -19.62 14.34 -35.24
N SER C 165 -20.95 14.23 -35.20
CA SER C 165 -21.77 14.30 -36.43
C SER C 165 -21.09 15.23 -37.45
N MET C 166 -20.77 16.45 -37.05
CA MET C 166 -20.17 17.42 -38.01
C MET C 166 -18.79 17.86 -37.51
N ASP C 167 -17.99 16.92 -37.03
CA ASP C 167 -16.65 17.27 -36.45
C ASP C 167 -16.69 18.72 -35.94
N PHE C 168 -17.67 19.04 -35.11
CA PHE C 168 -17.85 20.43 -34.64
C PHE C 168 -17.83 20.45 -33.12
N LYS C 169 -17.10 21.40 -32.55
CA LYS C 169 -17.07 21.54 -31.07
C LYS C 169 -17.53 22.96 -30.71
N SER C 170 -18.23 23.10 -29.58
CA SER C 170 -18.74 24.41 -29.12
C SER C 170 -18.87 24.46 -27.60
N ASN C 171 -18.49 25.59 -27.04
CA ASN C 171 -18.88 26.06 -25.69
C ASN C 171 -20.37 26.44 -25.71
N SER C 172 -20.97 26.58 -24.52
CA SER C 172 -22.38 26.97 -24.24
C SER C 172 -22.56 27.08 -22.72
N ALA C 173 -23.18 28.16 -22.26
CA ALA C 173 -23.70 28.32 -20.89
C ALA C 173 -25.22 28.50 -20.99
N VAL C 174 -25.97 28.06 -19.98
CA VAL C 174 -27.45 28.24 -19.94
C VAL C 174 -27.78 29.33 -18.90
N ALA C 175 -28.86 30.08 -19.10
CA ALA C 175 -29.40 31.05 -18.11
C ALA C 175 -30.92 30.92 -18.08
N TRP C 176 -31.54 31.15 -16.91
CA TRP C 176 -33.01 31.02 -16.72
C TRP C 176 -33.50 31.89 -15.56
N SER C 177 -34.80 32.22 -15.58
CA SER C 177 -35.52 32.99 -14.54
C SER C 177 -37.03 32.96 -14.85
N ASN C 178 -37.86 32.71 -13.83
CA ASN C 178 -39.36 32.78 -13.89
C ASN C 178 -39.82 34.23 -14.05
N LYS C 179 -38.98 35.22 -13.69
CA LYS C 179 -39.31 36.68 -13.77
C LYS C 179 -39.91 36.98 -15.15
N SER C 180 -41.09 37.62 -15.18
CA SER C 180 -41.85 37.90 -16.43
C SER C 180 -41.45 39.27 -17.01
N ASP C 181 -40.17 39.67 -16.89
CA ASP C 181 -39.59 40.84 -17.60
C ASP C 181 -38.12 40.56 -18.00
N PHE C 182 -37.48 39.56 -17.39
CA PHE C 182 -36.14 39.06 -17.74
C PHE C 182 -36.06 38.80 -19.26
N ALA C 183 -34.85 38.96 -19.80
CA ALA C 183 -34.61 38.77 -21.25
C ALA C 183 -33.27 38.07 -21.44
N CYS C 184 -33.03 37.51 -22.63
CA CYS C 184 -31.80 36.71 -22.85
C CYS C 184 -30.60 37.61 -23.13
N ALA C 185 -30.79 38.92 -23.20
CA ALA C 185 -29.68 39.84 -23.51
C ALA C 185 -28.92 40.15 -22.23
N ASN C 186 -29.55 40.90 -21.33
CA ASN C 186 -28.92 41.26 -20.03
C ASN C 186 -28.16 40.06 -19.49
N ALA C 187 -28.66 38.87 -19.79
CA ALA C 187 -28.05 37.64 -19.25
C ALA C 187 -26.56 37.62 -19.59
N PHE C 188 -25.81 36.79 -18.88
CA PHE C 188 -24.35 36.65 -19.18
C PHE C 188 -23.68 38.03 -19.05
N ASN C 189 -24.26 38.91 -18.23
CA ASN C 189 -23.94 40.36 -18.12
C ASN C 189 -24.22 41.04 -19.47
N ALA D 2 -14.56 -7.04 -14.41
CA ALA D 2 -14.41 -7.52 -13.00
C ALA D 2 -14.30 -6.30 -12.05
N GLY D 3 -13.26 -6.29 -11.20
CA GLY D 3 -12.85 -5.14 -10.38
C GLY D 3 -13.63 -5.07 -9.09
N VAL D 4 -13.79 -3.87 -8.58
CA VAL D 4 -14.49 -3.54 -7.31
C VAL D 4 -15.90 -3.05 -7.62
N THR D 5 -16.90 -3.70 -7.01
CA THR D 5 -18.36 -3.36 -6.99
C THR D 5 -18.77 -2.78 -5.62
N GLN D 6 -19.24 -1.54 -5.59
CA GLN D 6 -19.60 -0.76 -4.37
C GLN D 6 -21.08 -0.41 -4.47
N THR D 7 -21.91 -0.65 -3.46
CA THR D 7 -23.36 -0.26 -3.50
C THR D 7 -23.73 0.38 -2.18
N PRO D 8 -24.75 1.26 -2.13
CA PRO D 8 -25.30 1.89 -3.32
C PRO D 8 -24.42 3.05 -3.84
N LYS D 9 -24.72 3.51 -5.06
CA LYS D 9 -24.18 4.72 -5.72
C LYS D 9 -24.69 5.98 -5.02
N PHE D 10 -25.93 5.99 -4.56
CA PHE D 10 -26.52 7.17 -3.88
C PHE D 10 -27.28 6.74 -2.61
N GLN D 11 -27.21 7.56 -1.58
CA GLN D 11 -28.04 7.36 -0.37
C GLN D 11 -28.30 8.71 0.27
N VAL D 12 -29.52 8.95 0.68
CA VAL D 12 -29.82 10.02 1.67
C VAL D 12 -30.24 9.31 2.97
N LEU D 13 -29.77 9.82 4.12
CA LEU D 13 -30.11 9.33 5.47
C LEU D 13 -30.62 10.51 6.30
N LYS D 14 -31.56 10.26 7.22
CA LYS D 14 -31.89 11.18 8.33
C LYS D 14 -30.78 11.06 9.37
N THR D 15 -30.52 12.13 10.15
CA THR D 15 -29.49 12.14 11.22
C THR D 15 -29.79 11.00 12.18
N GLY D 16 -28.79 10.17 12.50
CA GLY D 16 -28.92 9.13 13.53
C GLY D 16 -29.31 7.78 12.96
N GLN D 17 -29.72 7.70 11.69
CA GLN D 17 -29.95 6.41 11.00
C GLN D 17 -28.61 5.71 10.82
N SER D 18 -28.71 4.40 10.60
CA SER D 18 -27.59 3.46 10.40
C SER D 18 -27.57 3.08 8.92
N MET D 19 -26.42 2.65 8.40
CA MET D 19 -26.21 2.48 6.94
C MET D 19 -25.04 1.54 6.71
N THR D 20 -25.20 0.57 5.81
CA THR D 20 -24.12 -0.35 5.35
C THR D 20 -23.80 -0.08 3.88
N LEU D 21 -22.58 0.34 3.59
CA LEU D 21 -22.08 0.39 2.19
C LEU D 21 -21.43 -0.96 1.91
N GLN D 22 -21.86 -1.70 0.91
CA GLN D 22 -21.18 -2.94 0.48
C GLN D 22 -20.00 -2.58 -0.43
N CYS D 23 -19.02 -3.46 -0.55
CA CYS D 23 -17.86 -3.32 -1.47
C CYS D 23 -17.22 -4.69 -1.65
N ALA D 24 -17.03 -5.16 -2.87
CA ALA D 24 -16.59 -6.55 -3.14
C ALA D 24 -15.60 -6.57 -4.28
N GLN D 25 -14.62 -7.48 -4.26
CA GLN D 25 -13.74 -7.69 -5.44
C GLN D 25 -13.46 -9.18 -5.62
N ASP D 26 -13.29 -9.56 -6.88
CA ASP D 26 -13.17 -10.94 -7.40
C ASP D 26 -11.72 -11.13 -7.84
N MET D 27 -10.82 -10.25 -7.37
CA MET D 27 -9.44 -10.15 -7.91
C MET D 27 -8.40 -10.78 -6.97
N ASN D 28 -8.80 -11.37 -5.84
CA ASN D 28 -7.89 -11.94 -4.83
C ASN D 28 -7.07 -10.86 -4.13
N HIS D 29 -7.50 -9.61 -4.16
CA HIS D 29 -6.71 -8.52 -3.55
C HIS D 29 -6.64 -8.76 -2.04
N ASN D 30 -5.46 -8.54 -1.48
CA ASN D 30 -5.16 -8.71 -0.03
C ASN D 30 -5.62 -7.44 0.69
N TYR D 31 -5.32 -6.27 0.13
CA TYR D 31 -5.72 -4.96 0.73
C TYR D 31 -7.07 -4.49 0.14
N MET D 32 -7.96 -4.06 1.02
CA MET D 32 -9.17 -3.26 0.68
C MET D 32 -9.15 -2.03 1.60
N TYR D 33 -9.72 -0.93 1.13
CA TYR D 33 -9.63 0.42 1.74
C TYR D 33 -11.01 1.08 1.70
N TRP D 34 -11.32 1.96 2.65
CA TRP D 34 -12.51 2.85 2.56
C TRP D 34 -11.99 4.27 2.73
N TYR D 35 -12.29 5.12 1.75
CA TYR D 35 -11.90 6.54 1.71
C TYR D 35 -13.17 7.37 1.65
N ARG D 36 -13.13 8.59 2.20
CA ARG D 36 -14.11 9.64 1.91
C ARG D 36 -13.37 10.75 1.14
N GLN D 37 -14.02 11.30 0.11
CA GLN D 37 -13.52 12.41 -0.74
C GLN D 37 -14.36 13.65 -0.45
N ASP D 38 -13.69 14.77 -0.18
CA ASP D 38 -14.33 16.02 0.26
C ASP D 38 -13.65 17.19 -0.42
N PRO D 39 -14.44 18.16 -0.93
CA PRO D 39 -13.91 19.37 -1.56
C PRO D 39 -12.69 19.91 -0.83
N GLY D 40 -11.58 20.11 -1.55
CA GLY D 40 -10.42 20.88 -1.08
C GLY D 40 -9.42 20.06 -0.28
N MET D 41 -9.54 18.74 -0.26
CA MET D 41 -8.56 17.86 0.43
C MET D 41 -8.41 16.51 -0.28
N GLY D 42 -7.31 15.84 0.01
CA GLY D 42 -6.99 14.51 -0.53
C GLY D 42 -7.99 13.50 -0.03
N LEU D 43 -8.03 12.32 -0.64
CA LEU D 43 -8.73 11.16 -0.07
C LEU D 43 -8.25 10.97 1.37
N ARG D 44 -9.17 10.62 2.27
CA ARG D 44 -8.92 10.40 3.72
C ARG D 44 -9.34 8.96 4.02
N LEU D 45 -8.39 8.15 4.50
CA LEU D 45 -8.62 6.72 4.80
C LEU D 45 -9.46 6.63 6.08
N ILE D 46 -10.54 5.88 6.00
CA ILE D 46 -11.50 5.65 7.11
C ILE D 46 -11.03 4.39 7.86
N TYR D 47 -11.02 3.28 7.15
CA TYR D 47 -10.43 1.98 7.57
C TYR D 47 -9.79 1.31 6.36
N TYR D 48 -9.06 0.25 6.64
CA TYR D 48 -8.40 -0.66 5.68
C TYR D 48 -8.20 -2.02 6.34
N SER D 49 -7.62 -2.93 5.58
CA SER D 49 -7.61 -4.38 5.83
C SER D 49 -6.53 -5.00 4.96
N ALA D 50 -5.47 -5.52 5.58
CA ALA D 50 -4.31 -6.08 4.85
C ALA D 50 -4.59 -7.52 4.37
N SER D 51 -5.64 -8.16 4.90
CA SER D 51 -6.05 -9.55 4.56
C SER D 51 -7.37 -9.88 5.25
N GLU D 52 -8.01 -10.97 4.80
CA GLU D 52 -9.15 -11.51 5.58
C GLU D 52 -8.62 -11.82 6.99
N GLY D 53 -9.40 -11.39 7.99
CA GLY D 53 -9.18 -11.64 9.42
C GLY D 53 -8.55 -10.46 10.12
N THR D 54 -8.25 -9.36 9.41
CA THR D 54 -7.69 -8.16 10.07
C THR D 54 -8.25 -6.88 9.42
N THR D 55 -8.38 -5.85 10.26
CA THR D 55 -8.74 -4.46 9.86
C THR D 55 -8.03 -3.49 10.81
N ASP D 56 -7.99 -2.21 10.48
CA ASP D 56 -7.31 -1.19 11.30
C ASP D 56 -7.83 0.19 10.89
N LYS D 57 -7.85 1.13 11.82
CA LYS D 57 -8.26 2.55 11.62
C LYS D 57 -7.37 3.18 10.55
N GLY D 58 -7.92 4.17 9.85
CA GLY D 58 -7.19 5.15 9.02
C GLY D 58 -7.07 6.46 9.78
N GLU D 59 -7.18 7.61 9.09
CA GLU D 59 -7.06 8.97 9.70
C GLU D 59 -8.40 9.43 10.25
N VAL D 60 -9.52 8.90 9.76
CA VAL D 60 -10.90 9.40 10.11
C VAL D 60 -11.79 8.21 10.45
N PRO D 61 -11.33 7.33 11.37
CA PRO D 61 -12.14 6.19 11.81
C PRO D 61 -13.44 6.58 12.56
N ASN D 62 -13.44 7.70 13.30
CA ASN D 62 -14.57 8.11 14.17
C ASN D 62 -15.89 8.12 13.41
N GLY D 63 -16.84 7.28 13.83
CA GLY D 63 -18.22 7.22 13.32
C GLY D 63 -18.44 6.01 12.46
N TYR D 64 -17.41 5.22 12.22
CA TYR D 64 -17.47 4.13 11.22
C TYR D 64 -16.94 2.82 11.80
N ASN D 65 -17.45 1.71 11.29
CA ASN D 65 -16.85 0.38 11.51
C ASN D 65 -16.84 -0.40 10.19
N VAL D 66 -15.99 -1.41 10.13
CA VAL D 66 -15.71 -2.28 8.95
C VAL D 66 -15.68 -3.71 9.44
N SER D 67 -15.65 -4.68 8.52
CA SER D 67 -15.39 -6.09 8.87
C SER D 67 -14.70 -6.77 7.66
N ARG D 68 -13.92 -7.83 7.86
CA ARG D 68 -13.25 -8.52 6.74
C ARG D 68 -13.25 -10.04 7.01
N SER D 69 -14.43 -10.63 7.10
CA SER D 69 -14.70 -12.08 7.26
C SER D 69 -14.15 -12.88 6.08
N THR D 70 -14.16 -12.29 4.89
CA THR D 70 -13.78 -12.94 3.59
C THR D 70 -12.72 -12.09 2.91
N THR D 71 -12.00 -12.65 1.94
CA THR D 71 -11.11 -11.87 1.03
C THR D 71 -11.96 -10.89 0.21
N GLU D 72 -13.14 -11.34 -0.23
CA GLU D 72 -14.02 -10.68 -1.24
C GLU D 72 -14.59 -9.36 -0.73
N ASP D 73 -15.08 -9.30 0.51
CA ASP D 73 -16.03 -8.25 0.94
C ASP D 73 -15.41 -7.41 2.07
N PHE D 74 -15.63 -6.10 2.04
CA PHE D 74 -15.14 -5.12 3.06
C PHE D 74 -16.23 -4.08 3.34
N PRO D 75 -17.34 -4.47 3.98
CA PRO D 75 -18.46 -3.54 4.19
C PRO D 75 -18.08 -2.39 5.12
N LEU D 76 -18.61 -1.19 4.90
CA LEU D 76 -18.43 -0.01 5.77
C LEU D 76 -19.79 0.31 6.39
N ARG D 77 -19.87 0.33 7.72
CA ARG D 77 -21.13 0.62 8.45
C ARG D 77 -21.05 2.00 9.08
N LEU D 78 -22.03 2.86 8.74
CA LEU D 78 -22.29 4.18 9.37
C LEU D 78 -23.16 3.90 10.57
N LEU D 79 -22.70 4.29 11.75
CA LEU D 79 -23.26 3.78 13.02
C LEU D 79 -24.44 4.66 13.40
N SER D 80 -24.22 5.96 13.35
CA SER D 80 -25.22 6.99 13.66
C SER D 80 -24.91 8.18 12.75
N ALA D 81 -25.73 8.38 11.70
CA ALA D 81 -25.44 9.25 10.53
C ALA D 81 -25.47 10.70 10.99
N ALA D 82 -24.45 11.49 10.63
CA ALA D 82 -24.34 12.94 10.97
C ALA D 82 -24.11 13.77 9.72
N PRO D 83 -24.60 15.03 9.68
CA PRO D 83 -24.33 15.95 8.58
C PRO D 83 -22.87 15.91 8.11
N SER D 84 -21.93 15.92 9.05
CA SER D 84 -20.48 15.99 8.76
C SER D 84 -20.08 14.77 7.92
N GLN D 85 -20.95 13.78 7.75
CA GLN D 85 -20.60 12.55 7.00
C GLN D 85 -21.10 12.65 5.57
N THR D 86 -21.86 13.70 5.25
CA THR D 86 -22.21 14.00 3.84
C THR D 86 -20.87 14.05 3.10
N SER D 87 -20.68 13.13 2.16
CA SER D 87 -19.41 13.01 1.43
C SER D 87 -19.59 12.05 0.27
N VAL D 88 -18.53 11.81 -0.48
CA VAL D 88 -18.46 10.72 -1.49
C VAL D 88 -17.47 9.71 -0.95
N TYR D 89 -17.90 8.45 -0.89
CA TYR D 89 -17.18 7.31 -0.30
C TYR D 89 -16.71 6.43 -1.45
N PHE D 90 -15.43 6.09 -1.46
CA PHE D 90 -14.82 5.14 -2.43
C PHE D 90 -14.16 4.02 -1.64
N CYS D 91 -14.46 2.77 -1.97
CA CYS D 91 -13.67 1.65 -1.44
C CYS D 91 -12.73 1.20 -2.56
N ALA D 92 -11.56 0.71 -2.19
CA ALA D 92 -10.48 0.35 -3.12
C ALA D 92 -9.92 -1.00 -2.68
N SER D 93 -9.25 -1.67 -3.62
CA SER D 93 -8.48 -2.88 -3.35
C SER D 93 -7.09 -2.73 -3.97
N SER D 94 -6.09 -3.42 -3.43
CA SER D 94 -4.75 -3.51 -4.05
C SER D 94 -4.18 -4.88 -3.73
N ASN D 95 -3.47 -5.48 -4.68
CA ASN D 95 -2.82 -6.79 -4.44
C ASN D 95 -2.00 -6.70 -3.15
N ARG D 96 -1.26 -5.61 -2.97
CA ARG D 96 -0.27 -5.49 -1.86
C ARG D 96 -0.22 -4.05 -1.35
N GLU D 97 0.44 -3.86 -0.20
CA GLU D 97 0.66 -2.53 0.42
C GLU D 97 1.24 -1.54 -0.60
N TYR D 98 1.98 -2.00 -1.60
CA TYR D 98 2.73 -1.08 -2.51
C TYR D 98 2.17 -1.10 -3.94
N SER D 99 1.14 -1.90 -4.26
CA SER D 99 0.62 -2.02 -5.66
C SER D 99 -0.53 -1.04 -5.92
N PRO D 100 -0.89 -0.80 -7.20
CA PRO D 100 -1.94 0.17 -7.55
C PRO D 100 -3.34 -0.14 -7.00
N LEU D 101 -4.04 0.87 -6.47
CA LEU D 101 -5.44 0.73 -6.00
C LEU D 101 -6.39 0.65 -7.20
N HIS D 102 -7.28 -0.33 -7.20
CA HIS D 102 -8.51 -0.42 -8.02
C HIS D 102 -9.69 0.14 -7.21
N PHE D 103 -10.34 1.23 -7.66
CA PHE D 103 -11.48 1.84 -6.92
C PHE D 103 -12.85 1.38 -7.46
N GLY D 104 -13.84 1.29 -6.57
CA GLY D 104 -15.25 1.20 -6.92
C GLY D 104 -15.75 2.55 -7.41
N ASN D 105 -16.99 2.61 -7.89
CA ASN D 105 -17.56 3.82 -8.57
C ASN D 105 -18.18 4.77 -7.56
N GLY D 106 -18.05 4.47 -6.27
CA GLY D 106 -18.35 5.43 -5.21
C GLY D 106 -19.79 5.42 -4.77
N THR D 107 -20.02 6.03 -3.61
CA THR D 107 -21.30 6.28 -2.95
C THR D 107 -21.38 7.76 -2.64
N ARG D 108 -22.34 8.45 -3.26
N ARG D 108 -22.33 8.45 -3.27
CA ARG D 108 -22.71 9.85 -2.95
CA ARG D 108 -22.70 9.85 -2.93
C ARG D 108 -23.72 9.78 -1.79
C ARG D 108 -23.70 9.76 -1.78
N LEU D 109 -23.34 10.33 -0.62
CA LEU D 109 -24.12 10.19 0.62
C LEU D 109 -24.34 11.56 1.22
N THR D 110 -25.60 11.84 1.54
CA THR D 110 -26.06 13.10 2.18
C THR D 110 -26.85 12.75 3.44
N VAL D 111 -26.54 13.43 4.55
CA VAL D 111 -27.26 13.28 5.84
C VAL D 111 -27.97 14.59 6.08
N THR D 112 -29.30 14.55 6.26
CA THR D 112 -30.13 15.73 6.57
C THR D 112 -30.82 15.50 7.90
N GLU D 113 -30.96 16.54 8.72
CA GLU D 113 -31.68 16.53 10.01
C GLU D 113 -33.15 16.15 9.76
N ASP D 114 -33.71 16.51 8.60
CA ASP D 114 -35.17 16.44 8.26
C ASP D 114 -35.33 15.87 6.86
N LEU D 115 -36.13 14.81 6.70
CA LEU D 115 -36.43 14.18 5.38
C LEU D 115 -37.47 15.02 4.64
N ASN D 116 -38.09 15.98 5.33
CA ASN D 116 -39.05 16.95 4.74
C ASN D 116 -38.30 17.84 3.73
N LYS D 117 -36.96 17.84 3.78
CA LYS D 117 -36.08 18.64 2.88
C LYS D 117 -35.88 17.92 1.54
N VAL D 118 -36.18 16.62 1.46
CA VAL D 118 -36.00 15.84 0.19
C VAL D 118 -37.11 16.20 -0.80
N PHE D 119 -36.73 16.60 -2.01
CA PHE D 119 -37.66 16.96 -3.12
C PHE D 119 -37.15 16.36 -4.43
N PRO D 120 -38.04 15.79 -5.26
CA PRO D 120 -37.63 15.22 -6.56
C PRO D 120 -37.46 16.39 -7.52
N PRO D 121 -36.75 16.23 -8.65
CA PRO D 121 -36.63 17.29 -9.63
C PRO D 121 -37.92 17.41 -10.47
N GLU D 122 -38.32 18.65 -10.74
CA GLU D 122 -39.23 18.98 -11.87
C GLU D 122 -38.33 19.12 -13.10
N VAL D 123 -38.69 18.51 -14.23
CA VAL D 123 -37.83 18.45 -15.43
C VAL D 123 -38.54 19.11 -16.63
N ALA D 124 -37.84 19.91 -17.40
CA ALA D 124 -38.39 20.55 -18.62
C ALA D 124 -37.37 20.54 -19.78
N VAL D 125 -37.89 20.29 -20.99
CA VAL D 125 -37.17 20.29 -22.30
C VAL D 125 -37.56 21.57 -23.04
N PHE D 126 -36.58 22.42 -23.34
CA PHE D 126 -36.73 23.71 -24.06
C PHE D 126 -36.29 23.51 -25.50
N GLU D 127 -37.20 23.86 -26.43
CA GLU D 127 -37.06 23.54 -27.86
C GLU D 127 -36.04 24.48 -28.47
N PRO D 128 -35.30 24.04 -29.52
CA PRO D 128 -34.22 24.82 -30.10
C PRO D 128 -34.77 26.12 -30.73
N SER D 129 -34.05 27.22 -30.53
CA SER D 129 -34.25 28.55 -31.13
C SER D 129 -34.26 28.40 -32.66
N GLU D 130 -35.29 28.95 -33.33
CA GLU D 130 -35.39 28.97 -34.82
C GLU D 130 -34.31 29.90 -35.39
N ALA D 131 -33.85 30.88 -34.60
CA ALA D 131 -32.69 31.76 -34.91
C ALA D 131 -31.43 30.90 -35.01
N GLU D 132 -31.26 29.91 -34.14
CA GLU D 132 -30.12 28.95 -34.16
C GLU D 132 -30.25 28.09 -35.42
N ILE D 133 -31.41 27.46 -35.62
CA ILE D 133 -31.70 26.56 -36.79
C ILE D 133 -31.32 27.27 -38.09
N SER D 134 -31.66 28.56 -38.22
CA SER D 134 -31.52 29.31 -39.49
C SER D 134 -30.07 29.77 -39.69
N HIS D 135 -29.32 30.07 -38.62
CA HIS D 135 -27.98 30.72 -38.65
C HIS D 135 -26.83 29.69 -38.59
N THR D 136 -27.04 28.49 -38.01
CA THR D 136 -26.01 27.44 -37.76
C THR D 136 -26.33 26.10 -38.43
N GLN D 137 -27.58 25.87 -38.86
CA GLN D 137 -28.09 24.58 -39.42
C GLN D 137 -28.04 23.48 -38.34
N LYS D 138 -27.95 23.90 -37.08
CA LYS D 138 -27.85 23.03 -35.87
C LYS D 138 -28.93 23.46 -34.88
N ALA D 139 -29.39 22.55 -34.04
CA ALA D 139 -30.49 22.75 -33.07
C ALA D 139 -30.09 22.18 -31.69
N THR D 140 -29.89 23.08 -30.71
CA THR D 140 -29.57 22.78 -29.29
C THR D 140 -30.88 22.66 -28.50
N LEU D 141 -31.25 21.44 -28.10
CA LEU D 141 -32.27 21.20 -27.03
C LEU D 141 -31.58 21.45 -25.69
N VAL D 142 -32.29 22.01 -24.71
CA VAL D 142 -31.77 22.18 -23.32
C VAL D 142 -32.77 21.49 -22.38
N CYS D 143 -32.25 20.70 -21.44
CA CYS D 143 -33.05 20.08 -20.35
C CYS D 143 -32.73 20.80 -19.04
N LEU D 144 -33.76 21.12 -18.26
CA LEU D 144 -33.59 21.81 -16.96
C LEU D 144 -34.25 20.95 -15.90
N ALA D 145 -33.44 20.47 -14.94
CA ALA D 145 -33.87 19.74 -13.73
C ALA D 145 -33.75 20.72 -12.57
N THR D 146 -34.83 21.03 -11.86
CA THR D 146 -34.86 22.10 -10.81
C THR D 146 -35.48 21.60 -9.48
N GLY D 147 -35.11 22.25 -8.38
CA GLY D 147 -35.75 22.14 -7.05
C GLY D 147 -35.47 20.82 -6.32
N PHE D 148 -34.46 20.05 -6.73
CA PHE D 148 -34.24 18.70 -6.18
C PHE D 148 -33.21 18.75 -5.04
N TYR D 149 -33.42 17.88 -4.04
CA TYR D 149 -32.56 17.68 -2.84
C TYR D 149 -32.64 16.22 -2.43
N PRO D 150 -31.51 15.52 -2.20
CA PRO D 150 -30.17 16.10 -2.28
C PRO D 150 -29.71 16.12 -3.74
N ASP D 151 -28.46 16.48 -4.04
CA ASP D 151 -27.94 16.51 -5.43
C ASP D 151 -27.56 15.11 -5.88
N HIS D 152 -28.54 14.22 -5.96
CA HIS D 152 -28.38 12.78 -6.31
C HIS D 152 -29.21 12.49 -7.57
N VAL D 153 -28.74 12.96 -8.72
CA VAL D 153 -29.44 12.77 -10.02
C VAL D 153 -28.44 12.27 -11.06
N GLU D 154 -28.92 11.38 -11.93
CA GLU D 154 -28.35 11.08 -13.28
C GLU D 154 -29.33 11.57 -14.35
N LEU D 155 -28.85 12.49 -15.21
CA LEU D 155 -29.57 13.03 -16.39
C LEU D 155 -29.05 12.35 -17.65
N SER D 156 -29.94 11.73 -18.42
CA SER D 156 -29.61 11.13 -19.72
C SER D 156 -30.60 11.64 -20.78
N TRP D 157 -30.26 11.40 -22.05
CA TRP D 157 -31.04 11.80 -23.24
C TRP D 157 -31.49 10.55 -23.98
N TRP D 158 -32.72 10.55 -24.49
CA TRP D 158 -33.31 9.38 -25.18
C TRP D 158 -33.91 9.89 -26.50
N VAL D 159 -33.55 9.22 -27.60
CA VAL D 159 -34.05 9.50 -28.97
C VAL D 159 -34.69 8.21 -29.49
N ASN D 160 -36.00 8.27 -29.75
CA ASN D 160 -36.88 7.16 -30.23
C ASN D 160 -36.87 6.02 -29.20
N GLY D 161 -36.75 6.37 -27.91
CA GLY D 161 -36.79 5.46 -26.75
C GLY D 161 -35.44 4.83 -26.43
N LYS D 162 -34.34 5.23 -27.10
CA LYS D 162 -32.97 4.65 -26.90
C LYS D 162 -31.99 5.77 -26.50
N GLU D 163 -31.09 5.47 -25.54
CA GLU D 163 -30.17 6.46 -24.92
C GLU D 163 -29.22 6.97 -26.03
N VAL D 164 -28.61 8.14 -25.83
CA VAL D 164 -27.69 8.81 -26.81
C VAL D 164 -26.66 9.63 -26.03
N HIS D 165 -25.42 9.71 -26.53
CA HIS D 165 -24.26 10.36 -25.84
C HIS D 165 -23.68 11.48 -26.70
N SER D 166 -23.46 11.28 -27.99
CA SER D 166 -22.84 12.31 -28.85
C SER D 166 -23.71 13.58 -28.90
N GLY D 167 -23.05 14.74 -28.86
CA GLY D 167 -23.68 16.06 -28.88
C GLY D 167 -24.41 16.40 -27.59
N VAL D 168 -24.12 15.67 -26.50
CA VAL D 168 -24.66 15.94 -25.14
C VAL D 168 -23.60 16.62 -24.27
N CYS D 169 -24.01 17.57 -23.45
CA CYS D 169 -23.16 18.22 -22.43
C CYS D 169 -24.02 18.50 -21.19
N THR D 170 -23.74 17.86 -20.06
CA THR D 170 -24.49 18.12 -18.79
C THR D 170 -23.59 18.93 -17.87
N ASP D 171 -24.12 19.94 -17.17
CA ASP D 171 -23.34 20.65 -16.12
C ASP D 171 -22.71 19.58 -15.23
N PRO D 172 -21.40 19.62 -14.94
CA PRO D 172 -20.80 18.56 -14.11
C PRO D 172 -21.28 18.63 -12.64
N GLN D 173 -21.57 19.82 -12.10
CA GLN D 173 -22.06 19.95 -10.70
C GLN D 173 -23.35 20.77 -10.67
N PRO D 174 -24.41 20.24 -10.01
CA PRO D 174 -25.65 20.99 -9.82
C PRO D 174 -25.43 22.37 -9.17
N LEU D 175 -26.20 23.37 -9.61
CA LEU D 175 -26.23 24.76 -9.08
C LEU D 175 -27.11 24.79 -7.82
N LYS D 176 -26.95 25.79 -6.94
CA LYS D 176 -27.83 25.95 -5.75
C LYS D 176 -28.82 27.08 -5.98
N GLU D 177 -30.12 26.81 -5.74
CA GLU D 177 -31.21 27.79 -6.03
C GLU D 177 -31.14 28.94 -5.01
N GLN D 178 -30.87 28.65 -3.72
CA GLN D 178 -30.44 29.66 -2.71
C GLN D 178 -29.06 29.24 -2.19
N PRO D 179 -27.94 29.85 -2.64
CA PRO D 179 -26.62 29.44 -2.17
C PRO D 179 -26.40 29.71 -0.67
N ALA D 180 -27.19 30.63 -0.09
CA ALA D 180 -27.23 31.00 1.34
C ALA D 180 -27.51 29.75 2.18
N LEU D 181 -28.60 29.04 1.88
CA LEU D 181 -29.09 27.90 2.70
C LEU D 181 -28.14 26.70 2.51
N ASN D 182 -28.11 25.79 3.49
CA ASN D 182 -27.34 24.51 3.47
C ASN D 182 -28.31 23.38 3.10
N ASP D 183 -29.60 23.58 3.39
CA ASP D 183 -30.75 22.73 2.94
C ASP D 183 -31.12 23.08 1.48
N SER D 184 -30.36 23.97 0.82
CA SER D 184 -30.61 24.49 -0.55
C SER D 184 -30.89 23.35 -1.51
N ARG D 185 -31.93 23.52 -2.33
CA ARG D 185 -32.31 22.59 -3.41
C ARG D 185 -31.44 22.91 -4.62
N TYR D 186 -31.36 22.00 -5.60
CA TYR D 186 -30.37 22.08 -6.70
C TYR D 186 -31.08 22.13 -8.05
N ALA D 187 -30.42 22.77 -9.01
CA ALA D 187 -30.80 22.80 -10.45
C ALA D 187 -29.65 22.19 -11.26
N LEU D 188 -29.97 21.62 -12.41
CA LEU D 188 -28.96 21.06 -13.32
C LEU D 188 -29.43 21.23 -14.77
N SER D 189 -28.58 21.75 -15.65
CA SER D 189 -28.90 21.94 -17.08
C SER D 189 -28.09 20.93 -17.91
N SER D 190 -28.68 20.49 -19.02
CA SER D 190 -28.01 19.68 -20.07
C SER D 190 -28.38 20.23 -21.46
N ARG D 191 -27.53 20.00 -22.46
CA ARG D 191 -27.77 20.35 -23.89
C ARG D 191 -27.67 19.06 -24.71
N LEU D 192 -28.44 18.97 -25.79
CA LEU D 192 -28.23 17.97 -26.86
C LEU D 192 -28.29 18.74 -28.17
N ARG D 193 -27.20 18.77 -28.94
CA ARG D 193 -27.11 19.53 -30.22
C ARG D 193 -27.08 18.53 -31.37
N VAL D 194 -27.95 18.72 -32.34
CA VAL D 194 -28.20 17.80 -33.47
C VAL D 194 -28.36 18.68 -34.69
N SER D 195 -28.14 18.15 -35.88
CA SER D 195 -28.30 18.91 -37.15
C SER D 195 -29.75 19.43 -37.19
N ALA D 196 -29.97 20.59 -37.78
CA ALA D 196 -31.31 21.21 -37.89
C ALA D 196 -32.25 20.25 -38.65
N THR D 197 -31.67 19.57 -39.66
CA THR D 197 -32.40 18.59 -40.52
C THR D 197 -33.03 17.55 -39.60
N PHE D 198 -32.23 17.00 -38.67
CA PHE D 198 -32.60 15.91 -37.72
C PHE D 198 -33.74 16.37 -36.81
N TRP D 199 -33.63 17.59 -36.24
CA TRP D 199 -34.69 18.18 -35.38
C TRP D 199 -36.02 18.29 -36.15
N GLN D 200 -35.96 18.51 -37.48
CA GLN D 200 -37.14 18.83 -38.33
C GLN D 200 -37.98 17.56 -38.57
N ASP D 201 -37.37 16.38 -38.55
CA ASP D 201 -38.06 15.09 -38.80
C ASP D 201 -39.14 14.90 -37.74
N PRO D 202 -40.43 14.70 -38.12
CA PRO D 202 -41.49 14.53 -37.12
C PRO D 202 -41.48 13.12 -36.51
N ARG D 203 -40.63 12.21 -37.01
CA ARG D 203 -40.51 10.79 -36.57
C ARG D 203 -39.47 10.67 -35.44
N ASN D 204 -39.03 11.80 -34.88
CA ASN D 204 -38.06 11.85 -33.76
C ASN D 204 -38.78 12.31 -32.49
N HIS D 205 -38.73 11.44 -31.46
CA HIS D 205 -38.98 11.69 -30.02
C HIS D 205 -37.65 12.03 -29.35
N PHE D 206 -37.65 13.11 -28.57
CA PHE D 206 -36.56 13.53 -27.66
C PHE D 206 -37.14 13.44 -26.23
N ARG D 207 -36.41 12.76 -25.32
CA ARG D 207 -36.84 12.50 -23.91
C ARG D 207 -35.64 12.79 -23.00
N CYS D 208 -35.83 13.70 -22.06
CA CYS D 208 -34.84 14.02 -21.01
C CYS D 208 -35.19 13.21 -19.75
N GLN D 209 -34.36 12.22 -19.39
CA GLN D 209 -34.57 11.30 -18.25
C GLN D 209 -33.66 11.75 -17.09
N VAL D 210 -34.27 12.13 -15.98
CA VAL D 210 -33.52 12.41 -14.72
C VAL D 210 -33.87 11.33 -13.68
N GLN D 211 -32.98 10.35 -13.47
CA GLN D 211 -33.08 9.36 -12.35
C GLN D 211 -32.73 10.10 -11.06
N PHE D 212 -33.73 10.37 -10.21
CA PHE D 212 -33.56 10.92 -8.85
C PHE D 212 -33.40 9.79 -7.84
N TYR D 213 -32.58 9.99 -6.82
CA TYR D 213 -32.40 9.07 -5.68
C TYR D 213 -32.89 9.79 -4.41
N GLY D 214 -33.96 9.27 -3.81
CA GLY D 214 -34.62 9.89 -2.64
C GLY D 214 -34.99 8.89 -1.55
N LEU D 215 -36.16 9.08 -0.93
CA LEU D 215 -36.73 8.19 0.11
C LEU D 215 -37.03 6.83 -0.53
N SER D 216 -37.34 5.85 0.31
CA SER D 216 -37.65 4.46 -0.10
C SER D 216 -39.15 4.28 -0.03
N GLU D 217 -39.75 3.44 -0.87
CA GLU D 217 -41.20 3.16 -0.78
C GLU D 217 -41.51 2.79 0.68
N ASN D 218 -40.58 2.12 1.35
CA ASN D 218 -40.71 1.73 2.78
C ASN D 218 -40.69 2.96 3.72
N ASP D 219 -40.18 4.12 3.32
CA ASP D 219 -39.98 5.26 4.28
C ASP D 219 -41.36 5.82 4.65
N GLU D 220 -41.53 6.13 5.93
CA GLU D 220 -42.72 6.78 6.52
C GLU D 220 -42.81 8.20 5.96
N TRP D 221 -44.02 8.71 5.72
CA TRP D 221 -44.26 10.06 5.16
C TRP D 221 -45.62 10.59 5.60
N THR D 222 -45.62 11.78 6.22
CA THR D 222 -46.80 12.42 6.84
C THR D 222 -46.95 13.85 6.31
N GLN D 223 -46.40 14.17 5.13
CA GLN D 223 -46.62 15.48 4.44
C GLN D 223 -47.73 15.27 3.39
N ASP D 224 -48.33 16.38 2.96
CA ASP D 224 -49.39 16.37 1.93
C ASP D 224 -48.76 15.90 0.62
N ARG D 225 -47.75 16.64 0.12
CA ARG D 225 -47.07 16.34 -1.18
C ARG D 225 -46.66 14.86 -1.21
N ALA D 226 -46.42 14.32 -2.41
CA ALA D 226 -46.16 12.89 -2.67
C ALA D 226 -44.78 12.53 -2.08
N LYS D 227 -44.70 11.40 -1.36
CA LYS D 227 -43.43 10.92 -0.74
C LYS D 227 -42.29 11.01 -1.77
N PRO D 228 -41.23 11.81 -1.50
CA PRO D 228 -40.18 12.07 -2.49
C PRO D 228 -39.24 10.87 -2.71
N VAL D 229 -39.77 9.81 -3.32
CA VAL D 229 -39.06 8.51 -3.48
C VAL D 229 -38.04 8.61 -4.63
N THR D 230 -36.99 7.78 -4.59
CA THR D 230 -36.21 7.40 -5.80
C THR D 230 -37.23 7.20 -6.91
N GLN D 231 -37.07 7.94 -8.01
CA GLN D 231 -38.00 7.93 -9.18
C GLN D 231 -37.27 8.53 -10.40
N ILE D 232 -37.72 8.14 -11.60
CA ILE D 232 -37.30 8.75 -12.89
C ILE D 232 -38.29 9.86 -13.21
N VAL D 233 -37.82 11.08 -13.44
CA VAL D 233 -38.68 12.21 -13.89
C VAL D 233 -38.20 12.63 -15.27
N SER D 234 -39.11 12.71 -16.23
CA SER D 234 -38.83 12.92 -17.68
C SER D 234 -39.62 14.12 -18.21
N ALA D 235 -39.05 14.80 -19.20
CA ALA D 235 -39.76 15.74 -20.09
C ALA D 235 -39.36 15.42 -21.52
N GLU D 236 -40.20 15.79 -22.49
CA GLU D 236 -40.08 15.32 -23.89
C GLU D 236 -40.42 16.48 -24.83
N ALA D 237 -39.99 16.33 -26.09
CA ALA D 237 -40.31 17.22 -27.23
C ALA D 237 -40.30 16.38 -28.54
N TRP D 238 -41.20 16.70 -29.48
CA TRP D 238 -41.21 16.06 -30.81
C TRP D 238 -40.58 16.99 -31.84
N GLY D 239 -39.89 16.41 -32.82
CA GLY D 239 -39.40 17.13 -34.01
C GLY D 239 -40.52 17.69 -34.86
N ARG D 240 -40.21 18.78 -35.59
CA ARG D 240 -41.16 19.62 -36.40
C ARG D 240 -40.40 20.44 -37.45
N ALA D 241 -40.93 20.52 -38.68
CA ALA D 241 -40.41 21.40 -39.75
C ALA D 241 -41.00 22.81 -39.61
N ASP D 242 -42.18 22.95 -39.00
CA ASP D 242 -42.95 24.23 -38.80
C ASP D 242 -42.71 25.17 -39.99
C4 2LJ E . 9.27 -8.18 9.12
C6 2LJ E . 8.86 -5.78 10.73
C7 2LJ E . 9.22 -4.66 11.65
C8 2LJ E . 10.01 -3.52 11.02
N1 2LJ E . 10.05 -7.65 6.50
N3 2LJ E . 9.52 -9.17 8.18
N5 2LJ E . 9.18 -5.71 9.44
C4A 2LJ E . 9.41 -6.84 8.66
O4 2LJ E . 8.96 -8.49 10.25
C2 2LJ E . 9.92 -8.96 6.89
O2 2LJ E . 10.18 -9.89 6.13
C8A 2LJ E . 9.81 -6.60 7.34
N8 2LJ E . 9.95 -5.33 6.84
C1' 2LJ E . 10.94 -4.97 5.83
C2' 2LJ E . 10.35 -4.63 4.47
O2' 2LJ E . 9.56 -3.45 4.65
C3' 2LJ E . 9.57 -5.81 3.85
O3' 2LJ E . 10.43 -6.93 3.88
C4' 2LJ E . 9.10 -5.70 2.39
O4' 2LJ E . 8.59 -6.97 1.97
C5' 2LJ E . 10.22 -5.25 1.48
O5' 2LJ E . 9.90 -5.43 0.10
C1 EDO F . 10.33 -8.28 -7.36
O1 EDO F . 9.92 -8.58 -8.69
C2 EDO F . 9.81 -9.26 -6.38
O2 EDO F . 10.03 -8.88 -5.03
C1 EDO G . -36.34 3.11 -10.98
O1 EDO G . -34.97 3.30 -11.22
C2 EDO G . -36.85 3.83 -9.79
O2 EDO G . -36.73 5.24 -9.87
#